data_1U8W
#
_entry.id   1U8W
#
_cell.length_a   73.935
_cell.length_b   96.319
_cell.length_c   134.703
_cell.angle_alpha   90.00
_cell.angle_beta   90.00
_cell.angle_gamma   90.00
#
_symmetry.space_group_name_H-M   'P 21 21 21'
#
loop_
_entity.id
_entity.type
_entity.pdbx_description
1 polymer 'Nucleoside diphosphate kinase I'
2 water water
#
_entity_poly.entity_id   1
_entity_poly.type   'polypeptide(L)'
_entity_poly.pdbx_seq_one_letter_code
;MEQTFIMIKPDGVQRGLIGEVICRFEKKGFTLKGLKLISVERSFAEKHYEDLSSKSFFSGLVDYIVSGPVVAMIWEGKNV
VLTGRKIIGATNPAASEPGTIRGDFAIDIGRNVIHGSDSVESARKEIALWFPDGPVNWQSSVHPWVYET
;
_entity_poly.pdbx_strand_id   A,B,C,D,E,F
#
# COMPACT_ATOMS: atom_id res chain seq x y z
N MET A 1 1.96 -28.34 -5.98
CA MET A 1 0.76 -28.81 -6.74
C MET A 1 -0.48 -29.10 -5.84
N GLU A 2 -0.29 -28.93 -4.53
CA GLU A 2 -1.34 -29.11 -3.52
C GLU A 2 -2.39 -27.99 -3.69
N GLN A 3 -3.65 -28.26 -3.35
CA GLN A 3 -4.70 -27.25 -3.49
C GLN A 3 -5.52 -27.07 -2.23
N THR A 4 -5.92 -25.84 -1.95
CA THR A 4 -6.73 -25.59 -0.77
C THR A 4 -7.92 -24.71 -1.14
N PHE A 5 -8.93 -24.70 -0.27
CA PHE A 5 -10.12 -23.92 -0.52
C PHE A 5 -10.14 -22.67 0.35
N ILE A 6 -10.31 -21.51 -0.28
CA ILE A 6 -10.36 -20.26 0.45
C ILE A 6 -11.64 -19.53 0.08
N MET A 7 -12.38 -19.12 1.10
CA MET A 7 -13.65 -18.44 0.87
C MET A 7 -13.75 -17.14 1.66
N ILE A 8 -14.12 -16.08 0.97
CA ILE A 8 -14.31 -14.78 1.58
C ILE A 8 -15.76 -14.80 2.03
N LYS A 9 -15.98 -14.68 3.33
CA LYS A 9 -17.33 -14.71 3.92
C LYS A 9 -18.14 -13.45 3.63
N PRO A 10 -19.47 -13.50 3.87
CA PRO A 10 -20.35 -12.36 3.61
C PRO A 10 -19.80 -11.01 4.08
N ASP A 11 -19.24 -10.97 5.29
CA ASP A 11 -18.70 -9.71 5.79
C ASP A 11 -17.44 -9.26 5.04
N GLY A 12 -16.62 -10.21 4.60
CA GLY A 12 -15.42 -9.85 3.86
C GLY A 12 -15.79 -9.10 2.60
N VAL A 13 -16.88 -9.54 1.97
CA VAL A 13 -17.39 -8.92 0.75
C VAL A 13 -18.03 -7.56 1.07
N GLN A 14 -18.82 -7.50 2.13
CA GLN A 14 -19.46 -6.24 2.52
C GLN A 14 -18.46 -5.19 2.96
N ARG A 15 -17.35 -5.63 3.56
CA ARG A 15 -16.33 -4.71 4.02
C ARG A 15 -15.25 -4.41 2.99
N GLY A 16 -15.53 -4.76 1.74
CA GLY A 16 -14.62 -4.50 0.63
C GLY A 16 -13.20 -5.00 0.79
N LEU A 17 -13.08 -6.23 1.25
CA LEU A 17 -11.78 -6.82 1.46
C LEU A 17 -11.42 -7.87 0.42
N ILE A 18 -12.24 -8.00 -0.62
CA ILE A 18 -11.98 -9.01 -1.65
C ILE A 18 -10.62 -8.87 -2.33
N GLY A 19 -10.36 -7.71 -2.90
CA GLY A 19 -9.09 -7.49 -3.57
C GLY A 19 -7.92 -7.70 -2.62
N GLU A 20 -8.03 -7.15 -1.41
CA GLU A 20 -6.97 -7.30 -0.43
C GLU A 20 -6.65 -8.76 -0.13
N VAL A 21 -7.68 -9.59 0.06
CA VAL A 21 -7.45 -11.00 0.35
C VAL A 21 -6.63 -11.66 -0.77
N ILE A 22 -7.12 -11.51 -2.00
CA ILE A 22 -6.48 -12.10 -3.16
C ILE A 22 -5.02 -11.64 -3.35
N CYS A 23 -4.71 -10.42 -2.92
CA CYS A 23 -3.37 -9.87 -3.06
C CYS A 23 -2.37 -10.66 -2.25
N ARG A 24 -2.77 -11.01 -1.04
CA ARG A 24 -1.93 -11.78 -0.16
C ARG A 24 -1.55 -13.12 -0.79
N PHE A 25 -2.54 -13.85 -1.29
CA PHE A 25 -2.28 -15.13 -1.92
C PHE A 25 -1.50 -15.02 -3.22
N GLU A 26 -1.71 -13.92 -3.94
CA GLU A 26 -1.00 -13.67 -5.19
C GLU A 26 0.47 -13.35 -4.91
N LYS A 27 0.73 -12.45 -3.96
CA LYS A 27 2.11 -12.06 -3.59
C LYS A 27 2.92 -13.25 -3.10
N LYS A 28 2.26 -14.13 -2.35
CA LYS A 28 2.89 -15.29 -1.78
C LYS A 28 3.42 -16.23 -2.87
N GLY A 29 2.82 -16.14 -4.05
CA GLY A 29 3.25 -16.96 -5.17
C GLY A 29 2.33 -18.11 -5.51
N PHE A 30 1.18 -18.19 -4.86
CA PHE A 30 0.25 -19.26 -5.16
C PHE A 30 -0.52 -19.02 -6.46
N THR A 31 -1.15 -20.07 -6.96
CA THR A 31 -1.91 -20.00 -8.20
C THR A 31 -3.41 -20.15 -8.01
N LEU A 32 -4.16 -19.16 -8.47
CA LEU A 32 -5.60 -19.18 -8.39
C LEU A 32 -6.13 -20.14 -9.46
N LYS A 33 -6.81 -21.20 -9.03
CA LYS A 33 -7.34 -22.17 -9.98
C LYS A 33 -8.86 -22.21 -9.92
N GLY A 34 -9.44 -21.31 -9.13
CA GLY A 34 -10.88 -21.26 -9.00
C GLY A 34 -11.29 -19.95 -8.34
N LEU A 35 -12.36 -19.35 -8.82
CA LEU A 35 -12.80 -18.08 -8.27
C LEU A 35 -14.20 -17.70 -8.72
N LYS A 36 -15.02 -17.28 -7.77
CA LYS A 36 -16.37 -16.88 -8.11
C LYS A 36 -17.13 -16.22 -6.98
N LEU A 37 -17.96 -15.27 -7.37
CA LEU A 37 -18.80 -14.51 -6.46
C LEU A 37 -20.12 -15.26 -6.48
N ILE A 38 -20.58 -15.73 -5.32
CA ILE A 38 -21.84 -16.46 -5.28
C ILE A 38 -22.65 -16.33 -4.00
N SER A 39 -23.95 -16.52 -4.16
CA SER A 39 -24.88 -16.52 -3.04
C SER A 39 -25.20 -17.98 -2.84
N VAL A 40 -25.20 -18.43 -1.60
CA VAL A 40 -25.46 -19.83 -1.31
C VAL A 40 -26.91 -20.11 -0.96
N GLU A 41 -27.40 -21.29 -1.33
CA GLU A 41 -28.77 -21.71 -1.01
C GLU A 41 -28.72 -22.36 0.36
N ARG A 42 -29.89 -22.64 0.94
CA ARG A 42 -29.97 -23.28 2.23
C ARG A 42 -29.32 -24.66 2.20
N SER A 43 -29.80 -25.49 1.26
CA SER A 43 -29.30 -26.85 1.10
C SER A 43 -27.78 -26.97 0.98
N PHE A 44 -27.16 -26.06 0.22
CA PHE A 44 -25.71 -26.09 0.04
C PHE A 44 -24.98 -25.74 1.35
N ALA A 45 -25.38 -24.64 1.97
CA ALA A 45 -24.77 -24.20 3.22
C ALA A 45 -24.77 -25.34 4.23
N GLU A 46 -25.92 -25.99 4.39
CA GLU A 46 -26.04 -27.09 5.33
C GLU A 46 -25.08 -28.23 4.97
N LYS A 47 -24.97 -28.52 3.68
CA LYS A 47 -24.08 -29.58 3.23
C LYS A 47 -22.64 -29.19 3.49
N HIS A 48 -22.34 -27.91 3.31
CA HIS A 48 -21.00 -27.41 3.54
C HIS A 48 -20.67 -27.49 5.03
N TYR A 49 -21.69 -27.28 5.85
CA TYR A 49 -21.51 -27.33 7.30
C TYR A 49 -21.97 -28.67 7.89
N GLU A 50 -22.31 -29.59 6.99
CA GLU A 50 -22.75 -30.94 7.33
C GLU A 50 -22.13 -31.49 8.60
N ASP A 51 -20.81 -31.43 8.69
CA ASP A 51 -20.12 -31.95 9.87
C ASP A 51 -20.29 -31.01 11.06
N LEU A 52 -21.54 -30.67 11.36
CA LEU A 52 -21.89 -29.78 12.47
C LEU A 52 -23.40 -29.67 12.57
N SER A 53 -24.09 -30.40 11.70
CA SER A 53 -25.55 -30.41 11.65
C SER A 53 -26.16 -30.57 13.04
N SER A 54 -25.46 -31.29 13.90
CA SER A 54 -25.94 -31.51 15.27
C SER A 54 -25.15 -30.66 16.27
N LYS A 55 -25.30 -29.35 16.16
CA LYS A 55 -24.63 -28.42 17.04
C LYS A 55 -25.58 -27.27 17.30
N SER A 56 -25.44 -26.67 18.49
CA SER A 56 -26.28 -25.55 18.88
C SER A 56 -26.25 -24.42 17.85
N PHE A 57 -25.05 -24.08 17.40
CA PHE A 57 -24.85 -23.00 16.44
C PHE A 57 -25.08 -23.29 14.95
N PHE A 58 -25.26 -24.57 14.58
CA PHE A 58 -25.48 -24.94 13.17
C PHE A 58 -26.42 -24.00 12.41
N SER A 59 -27.64 -23.84 12.93
CA SER A 59 -28.65 -22.98 12.31
C SER A 59 -28.12 -21.57 12.06
N GLY A 60 -27.29 -21.10 12.98
CA GLY A 60 -26.72 -19.77 12.85
C GLY A 60 -25.75 -19.68 11.69
N LEU A 61 -24.80 -20.63 11.65
CA LEU A 61 -23.79 -20.68 10.61
C LEU A 61 -24.41 -20.66 9.22
N VAL A 62 -25.55 -21.32 9.07
CA VAL A 62 -26.25 -21.36 7.80
C VAL A 62 -26.89 -20.00 7.48
N ASP A 63 -27.64 -19.46 8.43
CA ASP A 63 -28.30 -18.15 8.25
C ASP A 63 -27.32 -17.10 7.75
N TYR A 64 -26.15 -17.06 8.39
CA TYR A 64 -25.07 -16.11 8.10
C TYR A 64 -24.39 -16.31 6.75
N ILE A 65 -23.97 -17.53 6.43
CA ILE A 65 -23.30 -17.76 5.15
C ILE A 65 -24.25 -17.50 3.98
N VAL A 66 -25.53 -17.39 4.30
CA VAL A 66 -26.53 -17.14 3.28
C VAL A 66 -27.04 -15.70 3.34
N SER A 67 -26.67 -14.97 4.40
CA SER A 67 -27.11 -13.58 4.55
C SER A 67 -26.43 -12.64 3.55
N GLY A 68 -25.65 -13.20 2.64
CA GLY A 68 -24.97 -12.38 1.64
C GLY A 68 -24.06 -13.18 0.74
N PRO A 69 -23.64 -12.61 -0.41
CA PRO A 69 -22.75 -13.35 -1.31
C PRO A 69 -21.35 -13.55 -0.74
N VAL A 70 -20.66 -14.57 -1.24
CA VAL A 70 -19.31 -14.85 -0.79
C VAL A 70 -18.42 -15.10 -2.00
N VAL A 71 -17.11 -15.09 -1.78
CA VAL A 71 -16.17 -15.33 -2.87
C VAL A 71 -15.46 -16.65 -2.62
N ALA A 72 -15.71 -17.63 -3.48
CA ALA A 72 -15.09 -18.95 -3.34
C ALA A 72 -13.86 -19.04 -4.25
N MET A 73 -12.80 -19.68 -3.75
CA MET A 73 -11.58 -19.81 -4.53
C MET A 73 -10.81 -21.10 -4.32
N ILE A 74 -9.95 -21.40 -5.30
CA ILE A 74 -9.07 -22.56 -5.23
C ILE A 74 -7.66 -22.03 -5.37
N TRP A 75 -6.82 -22.34 -4.40
CA TRP A 75 -5.44 -21.91 -4.47
C TRP A 75 -4.51 -23.12 -4.45
N GLU A 76 -3.54 -23.11 -5.36
CA GLU A 76 -2.59 -24.20 -5.53
C GLU A 76 -1.15 -23.74 -5.31
N GLY A 77 -0.38 -24.58 -4.61
CA GLY A 77 1.02 -24.29 -4.32
C GLY A 77 1.55 -25.21 -3.20
N LYS A 78 2.87 -25.26 -3.03
CA LYS A 78 3.43 -26.10 -1.97
C LYS A 78 2.95 -25.61 -0.59
N ASN A 79 2.38 -26.51 0.21
CA ASN A 79 1.89 -26.19 1.55
C ASN A 79 0.83 -25.11 1.57
N VAL A 80 0.11 -24.96 0.48
CA VAL A 80 -0.92 -23.94 0.37
C VAL A 80 -1.98 -24.08 1.47
N VAL A 81 -2.27 -25.32 1.88
CA VAL A 81 -3.26 -25.54 2.91
C VAL A 81 -2.82 -24.97 4.26
N LEU A 82 -1.65 -25.38 4.73
CA LEU A 82 -1.16 -24.88 6.02
C LEU A 82 -0.75 -23.42 5.92
N THR A 83 -0.09 -23.06 4.83
CA THR A 83 0.35 -21.69 4.61
C THR A 83 -0.89 -20.82 4.60
N GLY A 84 -1.92 -21.30 3.91
CA GLY A 84 -3.18 -20.58 3.83
C GLY A 84 -3.77 -20.34 5.19
N ARG A 85 -3.71 -21.36 6.06
CA ARG A 85 -4.23 -21.19 7.41
C ARG A 85 -3.40 -20.13 8.16
N LYS A 86 -2.10 -20.09 7.89
CA LYS A 86 -1.21 -19.15 8.55
C LYS A 86 -1.50 -17.70 8.13
N ILE A 87 -1.72 -17.50 6.84
CA ILE A 87 -2.02 -16.19 6.33
C ILE A 87 -3.33 -15.68 6.90
N ILE A 88 -4.32 -16.57 7.03
CA ILE A 88 -5.61 -16.19 7.57
C ILE A 88 -5.55 -15.78 9.06
N GLY A 89 -4.75 -16.49 9.85
CA GLY A 89 -4.64 -16.16 11.26
C GLY A 89 -5.50 -17.00 12.17
N ALA A 90 -5.35 -16.81 13.48
CA ALA A 90 -6.10 -17.57 14.49
C ALA A 90 -7.60 -17.49 14.32
N THR A 91 -8.28 -18.61 14.60
CA THR A 91 -9.74 -18.68 14.49
C THR A 91 -10.40 -17.57 15.31
N ASN A 92 -9.92 -17.39 16.54
CA ASN A 92 -10.45 -16.33 17.40
C ASN A 92 -9.70 -15.06 17.02
N PRO A 93 -10.41 -14.10 16.41
CA PRO A 93 -9.89 -12.81 15.98
C PRO A 93 -9.08 -12.05 17.03
N ALA A 94 -9.33 -12.34 18.30
CA ALA A 94 -8.61 -11.67 19.37
C ALA A 94 -7.22 -12.27 19.55
N ALA A 95 -6.99 -13.46 19.02
CA ALA A 95 -5.69 -14.10 19.15
C ALA A 95 -4.82 -13.94 17.89
N SER A 96 -5.43 -13.62 16.76
CA SER A 96 -4.70 -13.45 15.51
C SER A 96 -3.71 -12.28 15.49
N GLU A 97 -2.51 -12.58 14.98
CA GLU A 97 -1.42 -11.61 14.92
C GLU A 97 -1.50 -10.64 13.76
N PRO A 98 -1.04 -9.39 13.97
CA PRO A 98 -1.06 -8.41 12.89
C PRO A 98 -0.23 -9.01 11.78
N GLY A 99 -0.64 -8.83 10.54
CA GLY A 99 0.11 -9.40 9.45
C GLY A 99 -0.69 -10.51 8.81
N THR A 100 -1.68 -11.01 9.55
CA THR A 100 -2.56 -12.06 9.04
C THR A 100 -3.84 -11.37 8.61
N ILE A 101 -4.69 -12.05 7.83
CA ILE A 101 -5.93 -11.45 7.37
C ILE A 101 -6.86 -11.11 8.53
N ARG A 102 -7.21 -12.09 9.35
CA ARG A 102 -8.09 -11.83 10.47
C ARG A 102 -7.42 -10.89 11.46
N GLY A 103 -6.10 -10.93 11.51
CA GLY A 103 -5.38 -10.05 12.42
C GLY A 103 -5.54 -8.59 12.07
N ASP A 104 -5.49 -8.27 10.78
CA ASP A 104 -5.61 -6.90 10.35
C ASP A 104 -7.04 -6.40 10.16
N PHE A 105 -7.97 -7.31 9.87
CA PHE A 105 -9.36 -6.88 9.60
C PHE A 105 -10.51 -7.40 10.47
N ALA A 106 -10.33 -8.51 11.18
CA ALA A 106 -11.43 -9.06 12.00
C ALA A 106 -11.36 -8.80 13.50
N ILE A 107 -12.53 -8.63 14.12
CA ILE A 107 -12.61 -8.39 15.57
C ILE A 107 -13.49 -9.46 16.25
N ASP A 108 -14.65 -9.72 15.66
CA ASP A 108 -15.59 -10.69 16.22
C ASP A 108 -15.40 -12.07 15.61
N ILE A 109 -15.44 -13.09 16.46
CA ILE A 109 -15.25 -14.45 16.02
C ILE A 109 -16.33 -14.90 15.04
N GLY A 110 -17.48 -14.20 15.07
CA GLY A 110 -18.57 -14.51 14.19
C GLY A 110 -18.57 -13.77 12.86
N ARG A 111 -17.64 -12.83 12.72
CA ARG A 111 -17.48 -12.04 11.49
C ARG A 111 -15.99 -12.08 11.21
N ASN A 112 -15.46 -13.30 11.09
CA ASN A 112 -14.02 -13.50 10.86
C ASN A 112 -13.53 -13.44 9.42
N VAL A 113 -14.21 -12.64 8.60
CA VAL A 113 -13.83 -12.40 7.21
C VAL A 113 -13.64 -13.56 6.23
N ILE A 114 -12.81 -14.54 6.57
CA ILE A 114 -12.59 -15.66 5.67
C ILE A 114 -12.53 -17.04 6.30
N HIS A 115 -12.45 -18.02 5.42
CA HIS A 115 -12.37 -19.42 5.78
C HIS A 115 -11.30 -20.07 4.90
N GLY A 116 -10.63 -21.07 5.45
CA GLY A 116 -9.61 -21.79 4.71
C GLY A 116 -9.68 -23.24 5.18
N SER A 117 -9.52 -24.18 4.25
CA SER A 117 -9.56 -25.60 4.60
C SER A 117 -8.53 -25.87 5.69
N ASP A 118 -8.88 -26.75 6.61
CA ASP A 118 -7.99 -27.07 7.71
C ASP A 118 -7.01 -28.20 7.41
N SER A 119 -7.29 -28.95 6.35
CA SER A 119 -6.40 -30.05 5.99
C SER A 119 -6.50 -30.33 4.50
N VAL A 120 -5.60 -31.19 4.04
CA VAL A 120 -5.57 -31.56 2.65
C VAL A 120 -6.85 -32.30 2.25
N GLU A 121 -7.22 -33.32 3.02
CA GLU A 121 -8.43 -34.08 2.68
C GLU A 121 -9.63 -33.17 2.86
N SER A 122 -9.48 -32.21 3.77
CA SER A 122 -10.54 -31.25 4.06
C SER A 122 -10.69 -30.34 2.84
N ALA A 123 -9.58 -29.94 2.24
CA ALA A 123 -9.62 -29.08 1.06
C ALA A 123 -10.21 -29.84 -0.12
N ARG A 124 -9.97 -31.15 -0.16
CA ARG A 124 -10.49 -31.96 -1.24
C ARG A 124 -12.01 -32.02 -1.19
N LYS A 125 -12.56 -32.25 0.00
CA LYS A 125 -14.03 -32.29 0.17
C LYS A 125 -14.61 -30.94 -0.23
N GLU A 126 -14.04 -29.88 0.33
CA GLU A 126 -14.47 -28.52 0.09
C GLU A 126 -14.41 -28.09 -1.39
N ILE A 127 -13.33 -28.44 -2.06
CA ILE A 127 -13.17 -28.06 -3.45
C ILE A 127 -14.13 -28.80 -4.38
N ALA A 128 -14.40 -30.07 -4.09
CA ALA A 128 -15.32 -30.85 -4.92
C ALA A 128 -16.75 -30.32 -4.77
N LEU A 129 -17.09 -29.96 -3.53
CA LEU A 129 -18.42 -29.42 -3.22
C LEU A 129 -18.64 -28.04 -3.85
N TRP A 130 -17.67 -27.15 -3.69
CA TRP A 130 -17.78 -25.81 -4.24
C TRP A 130 -17.40 -25.68 -5.71
N PHE A 131 -16.62 -26.62 -6.23
CA PHE A 131 -16.21 -26.57 -7.63
C PHE A 131 -16.42 -27.89 -8.39
N PRO A 132 -17.67 -28.32 -8.53
CA PRO A 132 -18.03 -29.55 -9.24
C PRO A 132 -17.40 -29.66 -10.64
N ASP A 133 -17.38 -28.54 -11.36
CA ASP A 133 -16.82 -28.51 -12.71
C ASP A 133 -15.31 -28.67 -12.76
N GLY A 134 -14.66 -28.66 -11.60
CA GLY A 134 -13.21 -28.82 -11.58
C GLY A 134 -12.40 -27.55 -11.58
N PRO A 135 -11.07 -27.66 -11.56
CA PRO A 135 -10.15 -26.52 -11.54
C PRO A 135 -9.83 -25.93 -12.90
N VAL A 136 -9.41 -24.66 -12.90
CA VAL A 136 -9.00 -23.99 -14.12
C VAL A 136 -7.49 -24.19 -14.07
N ASN A 137 -6.96 -25.00 -14.98
CA ASN A 137 -5.53 -25.28 -14.99
C ASN A 137 -4.72 -24.41 -15.92
N TRP A 138 -3.65 -23.84 -15.39
CA TRP A 138 -2.75 -23.00 -16.17
C TRP A 138 -1.38 -23.03 -15.51
N GLN A 139 -0.35 -22.65 -16.24
CA GLN A 139 1.01 -22.62 -15.72
C GLN A 139 1.51 -21.19 -15.64
N SER A 140 2.16 -20.86 -14.54
CA SER A 140 2.70 -19.51 -14.33
C SER A 140 4.12 -19.43 -14.91
N SER A 141 4.44 -18.32 -15.57
CA SER A 141 5.77 -18.17 -16.14
C SER A 141 6.80 -17.74 -15.08
N VAL A 142 6.31 -17.45 -13.88
CA VAL A 142 7.19 -17.04 -12.79
C VAL A 142 7.53 -18.27 -11.96
N HIS A 143 6.91 -19.40 -12.32
CA HIS A 143 7.12 -20.66 -11.60
C HIS A 143 8.57 -21.10 -11.39
N PRO A 144 9.41 -21.02 -12.43
CA PRO A 144 10.79 -21.44 -12.17
C PRO A 144 11.49 -20.53 -11.15
N TRP A 145 10.90 -19.39 -10.84
CA TRP A 145 11.52 -18.49 -9.87
C TRP A 145 10.88 -18.59 -8.48
N VAL A 146 9.84 -19.39 -8.35
CA VAL A 146 9.19 -19.58 -7.05
C VAL A 146 9.56 -20.95 -6.48
N TYR A 147 9.85 -21.89 -7.38
CA TYR A 147 10.24 -23.25 -6.99
C TYR A 147 11.59 -23.63 -7.55
N GLU A 148 12.21 -24.65 -6.97
CA GLU A 148 13.47 -25.14 -7.49
C GLU A 148 13.04 -26.23 -8.47
N THR A 149 13.82 -26.43 -9.52
CA THR A 149 13.48 -27.45 -10.52
C THR A 149 12.04 -27.23 -11.05
N MET B 1 27.59 3.04 14.07
CA MET B 1 26.59 2.10 14.64
C MET B 1 26.58 0.84 13.77
N GLU B 2 26.06 -0.25 14.35
CA GLU B 2 26.00 -1.56 13.70
C GLU B 2 25.58 -1.59 12.22
N GLN B 3 26.12 -2.57 11.48
CA GLN B 3 25.85 -2.73 10.07
C GLN B 3 25.56 -4.17 9.68
N THR B 4 24.69 -4.37 8.69
CA THR B 4 24.37 -5.72 8.24
C THR B 4 24.35 -5.77 6.72
N PHE B 5 24.52 -6.96 6.17
CA PHE B 5 24.50 -7.16 4.73
C PHE B 5 23.21 -7.86 4.36
N ILE B 6 22.46 -7.25 3.45
CA ILE B 6 21.23 -7.84 2.98
C ILE B 6 21.34 -7.96 1.49
N MET B 7 20.99 -9.13 0.97
CA MET B 7 21.09 -9.36 -0.45
C MET B 7 19.81 -9.92 -1.01
N ILE B 8 19.38 -9.37 -2.14
CA ILE B 8 18.16 -9.85 -2.77
C ILE B 8 18.59 -10.90 -3.81
N LYS B 9 18.26 -12.16 -3.52
CA LYS B 9 18.58 -13.29 -4.38
C LYS B 9 18.04 -13.09 -5.81
N PRO B 10 18.51 -13.91 -6.77
CA PRO B 10 18.05 -13.79 -8.16
C PRO B 10 16.54 -13.92 -8.30
N ASP B 11 15.91 -14.75 -7.47
CA ASP B 11 14.46 -14.91 -7.56
C ASP B 11 13.71 -13.68 -7.05
N GLY B 12 14.36 -12.91 -6.18
CA GLY B 12 13.74 -11.71 -5.63
C GLY B 12 13.69 -10.61 -6.66
N VAL B 13 14.73 -10.56 -7.50
CA VAL B 13 14.82 -9.56 -8.57
C VAL B 13 13.82 -9.95 -9.66
N GLN B 14 13.86 -11.19 -10.09
CA GLN B 14 12.94 -11.67 -11.12
C GLN B 14 11.51 -11.31 -10.75
N ARG B 15 11.12 -11.65 -9.52
CA ARG B 15 9.76 -11.39 -9.06
C ARG B 15 9.37 -9.93 -8.78
N GLY B 16 10.28 -8.99 -9.06
CA GLY B 16 9.99 -7.57 -8.84
C GLY B 16 9.73 -7.17 -7.40
N LEU B 17 10.60 -7.64 -6.51
CA LEU B 17 10.49 -7.37 -5.08
C LEU B 17 11.51 -6.37 -4.55
N ILE B 18 12.39 -5.89 -5.43
CA ILE B 18 13.44 -4.96 -5.02
C ILE B 18 12.89 -3.78 -4.22
N GLY B 19 12.01 -3.00 -4.83
CA GLY B 19 11.44 -1.86 -4.12
C GLY B 19 10.80 -2.25 -2.81
N GLU B 20 9.99 -3.30 -2.84
CA GLU B 20 9.30 -3.79 -1.66
C GLU B 20 10.27 -4.00 -0.50
N VAL B 21 11.31 -4.79 -0.77
CA VAL B 21 12.33 -5.10 0.24
C VAL B 21 12.97 -3.85 0.83
N ILE B 22 13.32 -2.90 -0.03
CA ILE B 22 13.96 -1.67 0.41
C ILE B 22 13.02 -0.81 1.23
N CYS B 23 11.76 -0.75 0.81
CA CYS B 23 10.75 0.02 1.54
C CYS B 23 10.73 -0.40 3.01
N ARG B 24 10.71 -1.70 3.25
CA ARG B 24 10.66 -2.18 4.61
C ARG B 24 11.83 -1.73 5.49
N PHE B 25 13.04 -1.72 4.93
CA PHE B 25 14.16 -1.29 5.74
C PHE B 25 14.16 0.21 5.91
N GLU B 26 13.72 0.93 4.89
CA GLU B 26 13.66 2.38 5.00
C GLU B 26 12.66 2.78 6.11
N LYS B 27 11.46 2.20 6.06
CA LYS B 27 10.42 2.50 7.04
C LYS B 27 10.80 2.14 8.48
N LYS B 28 11.65 1.13 8.63
CA LYS B 28 12.06 0.72 9.95
C LYS B 28 12.91 1.80 10.62
N GLY B 29 13.55 2.64 9.81
CA GLY B 29 14.38 3.70 10.34
C GLY B 29 15.85 3.49 10.05
N PHE B 30 16.17 2.39 9.35
CA PHE B 30 17.55 2.08 9.01
C PHE B 30 18.14 2.91 7.88
N THR B 31 19.46 3.08 7.93
CA THR B 31 20.20 3.83 6.93
C THR B 31 20.81 2.92 5.85
N LEU B 32 20.60 3.28 4.59
CA LEU B 32 21.17 2.50 3.51
C LEU B 32 22.56 3.05 3.25
N LYS B 33 23.57 2.19 3.35
CA LYS B 33 24.95 2.60 3.16
C LYS B 33 25.59 1.96 1.94
N GLY B 34 24.83 1.12 1.25
CA GLY B 34 25.35 0.46 0.07
C GLY B 34 24.25 -0.20 -0.72
N LEU B 35 24.31 -0.08 -2.04
CA LEU B 35 23.29 -0.68 -2.89
C LEU B 35 23.77 -0.80 -4.32
N LYS B 36 23.62 -1.98 -4.89
CA LYS B 36 24.02 -2.18 -6.28
C LYS B 36 23.52 -3.49 -6.91
N LEU B 37 23.28 -3.43 -8.21
CA LEU B 37 22.81 -4.57 -8.98
C LEU B 37 24.03 -5.30 -9.54
N ILE B 38 24.22 -6.55 -9.11
CA ILE B 38 25.36 -7.32 -9.56
C ILE B 38 24.97 -8.68 -10.11
N SER B 39 25.68 -9.08 -11.15
CA SER B 39 25.50 -10.41 -11.73
C SER B 39 26.78 -11.03 -11.17
N VAL B 40 26.63 -11.96 -10.24
CA VAL B 40 27.77 -12.58 -9.57
C VAL B 40 28.63 -13.56 -10.38
N GLU B 41 29.94 -13.47 -10.18
CA GLU B 41 30.93 -14.34 -10.83
C GLU B 41 30.97 -15.66 -10.06
N ARG B 42 31.16 -16.77 -10.77
CA ARG B 42 31.22 -18.09 -10.14
C ARG B 42 32.27 -18.15 -9.04
N SER B 43 33.48 -17.66 -9.34
CA SER B 43 34.55 -17.69 -8.34
C SER B 43 34.20 -16.79 -7.15
N PHE B 44 33.52 -15.68 -7.41
CA PHE B 44 33.12 -14.79 -6.33
C PHE B 44 32.14 -15.55 -5.45
N ALA B 45 31.22 -16.25 -6.12
CA ALA B 45 30.19 -17.02 -5.45
C ALA B 45 30.80 -18.04 -4.51
N GLU B 46 31.72 -18.86 -5.04
CA GLU B 46 32.38 -19.90 -4.24
C GLU B 46 33.03 -19.34 -2.99
N LYS B 47 33.46 -18.08 -3.04
CA LYS B 47 34.07 -17.44 -1.89
C LYS B 47 32.97 -16.98 -0.92
N HIS B 48 31.83 -16.58 -1.46
CA HIS B 48 30.71 -16.16 -0.62
C HIS B 48 30.17 -17.34 0.21
N TYR B 49 30.04 -18.49 -0.43
CA TYR B 49 29.56 -19.69 0.26
C TYR B 49 30.74 -20.58 0.67
N GLU B 50 31.87 -19.93 0.94
CA GLU B 50 33.13 -20.54 1.33
C GLU B 50 33.00 -21.58 2.45
N ASP B 51 32.40 -21.15 3.57
CA ASP B 51 32.22 -22.02 4.73
C ASP B 51 31.30 -23.22 4.45
N LEU B 52 30.79 -23.32 3.23
CA LEU B 52 29.92 -24.43 2.86
C LEU B 52 30.59 -25.30 1.81
N SER B 53 31.86 -25.03 1.58
CA SER B 53 32.67 -25.75 0.61
C SER B 53 32.48 -27.27 0.76
N SER B 54 32.39 -27.71 2.01
CA SER B 54 32.22 -29.11 2.36
C SER B 54 30.85 -29.72 2.06
N LYS B 55 29.78 -28.96 2.27
CA LYS B 55 28.44 -29.47 2.02
C LYS B 55 28.18 -29.92 0.59
N SER B 56 27.38 -30.97 0.45
CA SER B 56 27.03 -31.54 -0.84
C SER B 56 26.33 -30.52 -1.76
N PHE B 57 25.44 -29.74 -1.16
CA PHE B 57 24.67 -28.73 -1.88
C PHE B 57 25.46 -27.46 -2.23
N PHE B 58 26.77 -27.49 -2.02
CA PHE B 58 27.65 -26.34 -2.31
C PHE B 58 27.55 -25.83 -3.75
N SER B 59 27.74 -26.73 -4.72
CA SER B 59 27.68 -26.37 -6.13
C SER B 59 26.29 -25.85 -6.53
N GLY B 60 25.27 -26.32 -5.83
CA GLY B 60 23.92 -25.90 -6.10
C GLY B 60 23.73 -24.44 -5.73
N LEU B 61 24.18 -24.06 -4.54
CA LEU B 61 24.06 -22.69 -4.07
C LEU B 61 24.85 -21.74 -4.96
N VAL B 62 25.97 -22.24 -5.47
CA VAL B 62 26.85 -21.45 -6.33
C VAL B 62 26.28 -21.28 -7.73
N ASP B 63 25.75 -22.35 -8.31
CA ASP B 63 25.18 -22.26 -9.65
C ASP B 63 24.01 -21.29 -9.62
N TYR B 64 23.24 -21.33 -8.53
CA TYR B 64 22.08 -20.50 -8.40
C TYR B 64 22.29 -18.99 -8.23
N ILE B 65 23.16 -18.58 -7.30
CA ILE B 65 23.38 -17.15 -7.08
C ILE B 65 24.01 -16.50 -8.31
N VAL B 66 24.47 -17.35 -9.22
CA VAL B 66 25.09 -16.92 -10.47
C VAL B 66 24.03 -16.81 -11.58
N SER B 67 22.98 -17.62 -11.48
CA SER B 67 21.91 -17.68 -12.46
C SER B 67 21.21 -16.37 -12.81
N GLY B 68 21.26 -15.40 -11.91
CA GLY B 68 20.62 -14.13 -12.19
C GLY B 68 21.21 -12.97 -11.42
N PRO B 69 20.99 -11.75 -11.88
CA PRO B 69 21.54 -10.60 -11.15
C PRO B 69 20.94 -10.48 -9.74
N VAL B 70 21.72 -9.97 -8.80
CA VAL B 70 21.24 -9.80 -7.44
C VAL B 70 21.40 -8.34 -6.97
N VAL B 71 20.77 -8.01 -5.84
CA VAL B 71 20.90 -6.66 -5.29
C VAL B 71 21.58 -6.75 -3.92
N ALA B 72 22.77 -6.19 -3.83
CA ALA B 72 23.54 -6.21 -2.59
C ALA B 72 23.29 -4.94 -1.80
N MET B 73 23.25 -5.06 -0.49
CA MET B 73 23.00 -3.88 0.35
C MET B 73 23.72 -3.86 1.69
N ILE B 74 23.85 -2.64 2.20
CA ILE B 74 24.45 -2.41 3.51
C ILE B 74 23.44 -1.54 4.24
N TRP B 75 22.95 -2.01 5.38
CA TRP B 75 22.03 -1.22 6.17
C TRP B 75 22.62 -1.00 7.56
N GLU B 76 22.41 0.20 8.10
CA GLU B 76 22.97 0.55 9.40
C GLU B 76 21.92 0.87 10.46
N GLY B 77 22.22 0.53 11.70
CA GLY B 77 21.32 0.80 12.81
C GLY B 77 21.51 -0.12 14.01
N LYS B 78 20.77 0.15 15.09
CA LYS B 78 20.84 -0.67 16.31
C LYS B 78 20.14 -2.00 16.11
N ASN B 79 20.87 -3.08 16.36
CA ASN B 79 20.33 -4.42 16.23
C ASN B 79 19.89 -4.67 14.80
N VAL B 80 20.52 -3.95 13.88
CA VAL B 80 20.18 -4.06 12.46
C VAL B 80 20.39 -5.49 11.94
N VAL B 81 21.32 -6.22 12.53
CA VAL B 81 21.57 -7.61 12.13
C VAL B 81 20.41 -8.50 12.59
N LEU B 82 20.12 -8.49 13.90
CA LEU B 82 19.04 -9.33 14.42
C LEU B 82 17.68 -8.86 13.89
N THR B 83 17.49 -7.55 13.82
CA THR B 83 16.23 -7.04 13.29
C THR B 83 16.17 -7.45 11.82
N GLY B 84 17.31 -7.36 11.14
CA GLY B 84 17.37 -7.73 9.75
C GLY B 84 16.82 -9.12 9.48
N ARG B 85 17.31 -10.10 10.23
CA ARG B 85 16.82 -11.47 10.05
C ARG B 85 15.39 -11.59 10.54
N LYS B 86 15.03 -10.82 11.56
CA LYS B 86 13.66 -10.85 12.07
C LYS B 86 12.73 -10.33 10.96
N ILE B 87 13.14 -9.23 10.34
CA ILE B 87 12.37 -8.64 9.24
C ILE B 87 12.25 -9.61 8.09
N ILE B 88 13.29 -10.42 7.87
CA ILE B 88 13.28 -11.39 6.80
C ILE B 88 12.40 -12.63 7.03
N GLY B 89 12.45 -13.20 8.23
CA GLY B 89 11.62 -14.37 8.50
C GLY B 89 12.31 -15.73 8.47
N ALA B 90 11.66 -16.73 9.07
CA ALA B 90 12.17 -18.09 9.15
C ALA B 90 12.83 -18.55 7.85
N THR B 91 13.95 -19.26 7.98
CA THR B 91 14.71 -19.76 6.84
C THR B 91 13.85 -20.61 5.90
N ASN B 92 12.98 -21.42 6.48
CA ASN B 92 12.07 -22.28 5.73
C ASN B 92 10.73 -21.56 5.59
N PRO B 93 10.37 -21.14 4.37
CA PRO B 93 9.10 -20.44 4.13
C PRO B 93 7.88 -21.09 4.78
N ALA B 94 8.00 -22.38 5.08
CA ALA B 94 6.90 -23.12 5.71
C ALA B 94 6.64 -22.62 7.14
N ALA B 95 7.62 -21.90 7.68
CA ALA B 95 7.54 -21.37 9.05
C ALA B 95 7.43 -19.85 9.11
N SER B 96 8.01 -19.16 8.13
CA SER B 96 7.99 -17.70 8.08
C SER B 96 6.62 -17.07 8.29
N GLU B 97 6.53 -16.20 9.31
CA GLU B 97 5.27 -15.53 9.66
C GLU B 97 4.88 -14.39 8.72
N PRO B 98 3.57 -14.27 8.42
CA PRO B 98 3.07 -13.21 7.55
C PRO B 98 3.51 -11.90 8.19
N GLY B 99 3.94 -10.94 7.38
CA GLY B 99 4.41 -9.70 7.96
C GLY B 99 5.92 -9.59 7.75
N THR B 100 6.57 -10.74 7.53
CA THR B 100 8.00 -10.78 7.25
C THR B 100 8.16 -10.94 5.72
N ILE B 101 9.32 -10.57 5.18
CA ILE B 101 9.53 -10.69 3.74
C ILE B 101 9.26 -12.11 3.23
N ARG B 102 9.88 -13.12 3.85
CA ARG B 102 9.65 -14.50 3.41
C ARG B 102 8.21 -14.93 3.68
N GLY B 103 7.63 -14.40 4.74
CA GLY B 103 6.25 -14.74 5.07
C GLY B 103 5.24 -14.30 4.02
N ASP B 104 5.47 -13.13 3.42
CA ASP B 104 4.55 -12.61 2.42
C ASP B 104 4.85 -13.01 0.99
N PHE B 105 6.09 -13.41 0.70
CA PHE B 105 6.47 -13.74 -0.67
C PHE B 105 7.08 -15.11 -0.95
N ALA B 106 7.71 -15.73 0.05
CA ALA B 106 8.38 -17.00 -0.21
C ALA B 106 7.58 -18.26 0.03
N ILE B 107 7.89 -19.29 -0.76
CA ILE B 107 7.24 -20.59 -0.63
C ILE B 107 8.27 -21.72 -0.54
N ASP B 108 9.24 -21.74 -1.44
CA ASP B 108 10.27 -22.79 -1.50
C ASP B 108 11.55 -22.36 -0.83
N ILE B 109 12.12 -23.21 0.00
CA ILE B 109 13.37 -22.87 0.68
C ILE B 109 14.46 -22.54 -0.33
N GLY B 110 14.36 -23.09 -1.52
CA GLY B 110 15.36 -22.84 -2.56
C GLY B 110 15.16 -21.52 -3.28
N ARG B 111 14.00 -20.90 -3.08
CA ARG B 111 13.67 -19.63 -3.71
C ARG B 111 13.14 -18.73 -2.59
N ASN B 112 13.97 -18.52 -1.57
CA ASN B 112 13.54 -17.73 -0.41
C ASN B 112 13.74 -16.23 -0.48
N VAL B 113 13.82 -15.72 -1.71
CA VAL B 113 13.91 -14.28 -1.95
C VAL B 113 15.06 -13.43 -1.44
N ILE B 114 15.53 -13.70 -0.23
CA ILE B 114 16.56 -12.83 0.31
C ILE B 114 17.50 -13.47 1.33
N HIS B 115 18.63 -12.79 1.54
CA HIS B 115 19.65 -13.20 2.48
C HIS B 115 20.01 -12.08 3.44
N GLY B 116 20.30 -12.45 4.68
CA GLY B 116 20.69 -11.49 5.66
C GLY B 116 21.74 -12.12 6.55
N SER B 117 22.67 -11.31 7.02
CA SER B 117 23.72 -11.79 7.89
C SER B 117 23.12 -12.45 9.14
N ASP B 118 23.68 -13.58 9.55
CA ASP B 118 23.19 -14.23 10.75
C ASP B 118 23.83 -13.64 12.01
N SER B 119 24.98 -12.98 11.87
CA SER B 119 25.64 -12.36 13.03
C SER B 119 26.41 -11.11 12.63
N VAL B 120 26.87 -10.39 13.65
CA VAL B 120 27.65 -9.19 13.44
C VAL B 120 28.99 -9.55 12.78
N GLU B 121 29.66 -10.56 13.34
CA GLU B 121 30.94 -10.99 12.81
C GLU B 121 30.86 -11.38 11.33
N SER B 122 29.87 -12.20 10.96
CA SER B 122 29.74 -12.61 9.57
C SER B 122 29.29 -11.47 8.66
N ALA B 123 28.72 -10.42 9.24
CA ALA B 123 28.30 -9.26 8.45
C ALA B 123 29.58 -8.53 8.04
N ARG B 124 30.49 -8.34 9.00
CA ARG B 124 31.76 -7.66 8.75
C ARG B 124 32.41 -8.31 7.54
N LYS B 125 32.46 -9.64 7.57
CA LYS B 125 33.07 -10.40 6.49
C LYS B 125 32.29 -10.21 5.19
N GLU B 126 30.96 -10.26 5.27
CA GLU B 126 30.10 -10.10 4.11
C GLU B 126 30.20 -8.72 3.46
N ILE B 127 30.20 -7.66 4.26
CA ILE B 127 30.31 -6.33 3.69
C ILE B 127 31.70 -6.14 3.07
N ALA B 128 32.73 -6.65 3.74
CA ALA B 128 34.08 -6.52 3.23
C ALA B 128 34.27 -7.25 1.89
N LEU B 129 33.53 -8.35 1.69
CA LEU B 129 33.59 -9.12 0.44
C LEU B 129 32.74 -8.52 -0.69
N TRP B 130 31.51 -8.10 -0.36
CA TRP B 130 30.61 -7.54 -1.36
C TRP B 130 30.82 -6.05 -1.61
N PHE B 131 31.30 -5.33 -0.60
CA PHE B 131 31.55 -3.89 -0.76
C PHE B 131 32.99 -3.51 -0.43
N PRO B 132 33.95 -4.09 -1.16
CA PRO B 132 35.37 -3.82 -0.96
C PRO B 132 35.72 -2.35 -0.74
N ASP B 133 35.05 -1.46 -1.47
CA ASP B 133 35.35 -0.03 -1.37
C ASP B 133 34.65 0.73 -0.27
N GLY B 134 34.12 0.02 0.71
CA GLY B 134 33.45 0.71 1.80
C GLY B 134 32.07 1.22 1.47
N PRO B 135 31.37 1.79 2.46
CA PRO B 135 30.01 2.34 2.33
C PRO B 135 29.92 3.83 2.02
N VAL B 136 28.76 4.24 1.53
CA VAL B 136 28.51 5.63 1.23
C VAL B 136 27.86 6.17 2.49
N ASN B 137 28.57 7.05 3.18
CA ASN B 137 28.09 7.63 4.42
C ASN B 137 27.31 8.93 4.31
N TRP B 138 26.33 9.07 5.20
CA TRP B 138 25.46 10.24 5.26
C TRP B 138 24.69 10.16 6.57
N GLN B 139 24.12 11.28 6.99
CA GLN B 139 23.35 11.31 8.23
C GLN B 139 21.89 11.63 7.95
N SER B 140 20.99 10.81 8.47
CA SER B 140 19.56 11.03 8.30
C SER B 140 19.15 12.27 9.10
N SER B 141 18.28 13.08 8.54
CA SER B 141 17.85 14.27 9.25
C SER B 141 16.80 13.92 10.31
N VAL B 142 16.18 12.74 10.21
CA VAL B 142 15.18 12.31 11.19
C VAL B 142 15.81 11.54 12.35
N HIS B 143 17.09 11.23 12.19
CA HIS B 143 17.86 10.50 13.20
C HIS B 143 17.46 10.85 14.64
N PRO B 144 17.41 12.15 14.96
CA PRO B 144 17.05 12.58 16.32
C PRO B 144 15.64 12.20 16.73
N TRP B 145 14.91 11.54 15.84
CA TRP B 145 13.54 11.14 16.14
C TRP B 145 13.44 9.63 16.07
N VAL B 146 14.51 9.01 15.60
CA VAL B 146 14.57 7.56 15.51
C VAL B 146 15.34 7.08 16.74
N TYR B 147 16.35 7.85 17.14
CA TYR B 147 17.18 7.53 18.29
C TYR B 147 17.23 8.66 19.32
N GLU B 148 17.36 8.30 20.61
CA GLU B 148 17.43 9.30 21.67
C GLU B 148 18.87 9.74 21.93
N THR B 149 19.08 11.05 22.05
CA THR B 149 20.41 11.65 22.29
C THR B 149 21.39 11.61 21.11
N MET C 1 -19.45 0.28 23.78
CA MET C 1 -18.47 -0.80 24.08
C MET C 1 -17.16 -0.25 24.66
N GLU C 2 -16.22 -1.18 24.87
CA GLU C 2 -14.90 -0.90 25.42
C GLU C 2 -14.15 0.15 24.58
N GLN C 3 -13.35 0.97 25.26
CA GLN C 3 -12.60 2.01 24.57
C GLN C 3 -11.20 2.07 25.13
N THR C 4 -10.24 2.54 24.35
CA THR C 4 -8.87 2.66 24.82
C THR C 4 -8.27 3.98 24.33
N PHE C 5 -7.15 4.38 24.93
CA PHE C 5 -6.47 5.62 24.57
C PHE C 5 -5.19 5.37 23.77
N ILE C 6 -5.15 5.83 22.52
CA ILE C 6 -3.93 5.64 21.74
C ILE C 6 -3.34 7.02 21.52
N MET C 7 -2.01 7.11 21.57
CA MET C 7 -1.33 8.37 21.38
C MET C 7 -0.09 8.25 20.50
N ILE C 8 -0.07 8.96 19.38
CA ILE C 8 1.07 8.96 18.49
C ILE C 8 2.03 10.00 19.04
N LYS C 9 3.12 9.52 19.62
CA LYS C 9 4.12 10.37 20.25
C LYS C 9 4.86 11.30 19.26
N PRO C 10 5.53 12.34 19.78
CA PRO C 10 6.27 13.32 19.00
C PRO C 10 7.08 12.74 17.84
N ASP C 11 7.85 11.68 18.10
CA ASP C 11 8.64 11.05 17.05
C ASP C 11 7.72 10.51 15.96
N GLY C 12 6.58 9.98 16.38
CA GLY C 12 5.61 9.44 15.44
C GLY C 12 5.06 10.52 14.52
N VAL C 13 4.87 11.71 15.07
CA VAL C 13 4.38 12.81 14.27
C VAL C 13 5.49 13.33 13.37
N GLN C 14 6.68 13.48 13.95
CA GLN C 14 7.82 13.99 13.20
C GLN C 14 8.21 13.11 12.02
N ARG C 15 7.95 11.81 12.15
CA ARG C 15 8.27 10.88 11.08
C ARG C 15 7.11 10.66 10.11
N GLY C 16 6.05 11.43 10.28
CA GLY C 16 4.90 11.30 9.41
C GLY C 16 4.21 9.95 9.39
N LEU C 17 3.83 9.46 10.56
CA LEU C 17 3.17 8.16 10.65
C LEU C 17 1.71 8.25 11.12
N ILE C 18 1.21 9.46 11.26
CA ILE C 18 -0.15 9.70 11.71
C ILE C 18 -1.19 8.95 10.86
N GLY C 19 -1.15 9.16 9.55
CA GLY C 19 -2.11 8.47 8.70
C GLY C 19 -1.99 6.97 8.82
N GLU C 20 -0.76 6.49 8.69
CA GLU C 20 -0.44 5.08 8.78
C GLU C 20 -1.06 4.44 10.01
N VAL C 21 -0.87 5.06 11.17
CA VAL C 21 -1.42 4.53 12.42
C VAL C 21 -2.95 4.47 12.40
N ILE C 22 -3.57 5.60 12.10
CA ILE C 22 -5.02 5.66 12.06
C ILE C 22 -5.57 4.57 11.12
N CYS C 23 -4.85 4.31 10.03
CA CYS C 23 -5.25 3.30 9.06
C CYS C 23 -5.32 1.89 9.64
N ARG C 24 -4.39 1.56 10.51
CA ARG C 24 -4.41 0.22 11.06
C ARG C 24 -5.62 0.01 11.96
N PHE C 25 -5.92 1.00 12.79
CA PHE C 25 -7.07 0.87 13.67
C PHE C 25 -8.37 0.93 12.86
N GLU C 26 -8.40 1.78 11.84
CA GLU C 26 -9.60 1.88 10.99
C GLU C 26 -9.87 0.55 10.28
N LYS C 27 -8.85 0.00 9.63
CA LYS C 27 -8.98 -1.27 8.90
C LYS C 27 -9.38 -2.42 9.79
N LYS C 28 -8.96 -2.35 11.04
CA LYS C 28 -9.27 -3.40 12.00
C LYS C 28 -10.77 -3.46 12.25
N GLY C 29 -11.44 -2.30 12.13
CA GLY C 29 -12.88 -2.26 12.34
C GLY C 29 -13.28 -1.41 13.52
N PHE C 30 -12.28 -0.93 14.27
CA PHE C 30 -12.52 -0.08 15.43
C PHE C 30 -13.08 1.28 15.05
N THR C 31 -13.83 1.87 15.99
CA THR C 31 -14.45 3.18 15.81
C THR C 31 -13.66 4.27 16.53
N LEU C 32 -13.32 5.32 15.81
CA LEU C 32 -12.58 6.43 16.40
C LEU C 32 -13.61 7.32 17.08
N LYS C 33 -13.48 7.53 18.39
CA LYS C 33 -14.43 8.38 19.10
C LYS C 33 -13.76 9.63 19.66
N GLY C 34 -12.49 9.81 19.33
CA GLY C 34 -11.72 10.95 19.79
C GLY C 34 -10.39 11.05 19.04
N LEU C 35 -10.06 12.25 18.56
CA LEU C 35 -8.85 12.46 17.80
C LEU C 35 -8.37 13.91 17.86
N LYS C 36 -7.09 14.13 18.14
CA LYS C 36 -6.59 15.50 18.18
C LYS C 36 -5.09 15.71 18.24
N LEU C 37 -4.64 16.81 17.65
CA LEU C 37 -3.24 17.21 17.61
C LEU C 37 -3.05 18.17 18.78
N ILE C 38 -2.15 17.84 19.70
CA ILE C 38 -1.92 18.67 20.88
C ILE C 38 -0.46 18.86 21.29
N SER C 39 -0.15 20.07 21.76
CA SER C 39 1.17 20.36 22.29
C SER C 39 0.88 20.34 23.80
N VAL C 40 1.24 19.25 24.43
CA VAL C 40 0.97 19.08 25.86
C VAL C 40 1.81 19.97 26.77
N GLU C 41 1.15 20.56 27.77
CA GLU C 41 1.81 21.44 28.74
C GLU C 41 2.42 20.62 29.89
N ARG C 42 3.54 21.08 30.41
CA ARG C 42 4.28 20.42 31.49
C ARG C 42 3.43 19.83 32.62
N SER C 43 2.46 20.61 33.10
CA SER C 43 1.57 20.17 34.18
C SER C 43 0.71 18.99 33.75
N PHE C 44 0.10 19.10 32.58
CA PHE C 44 -0.74 18.03 32.05
C PHE C 44 0.14 16.79 31.91
N ALA C 45 1.29 16.96 31.25
CA ALA C 45 2.23 15.88 31.04
C ALA C 45 2.54 15.17 32.35
N GLU C 46 2.81 15.96 33.39
CA GLU C 46 3.13 15.42 34.71
C GLU C 46 2.01 14.56 35.29
N LYS C 47 0.76 14.87 34.95
CA LYS C 47 -0.35 14.06 35.44
C LYS C 47 -0.39 12.73 34.67
N HIS C 48 -0.30 12.82 33.34
CA HIS C 48 -0.33 11.63 32.49
C HIS C 48 0.62 10.56 32.96
N TYR C 49 1.81 10.98 33.41
CA TYR C 49 2.82 10.07 33.92
C TYR C 49 2.84 10.02 35.46
N GLU C 50 1.67 10.12 36.08
CA GLU C 50 1.55 10.09 37.53
C GLU C 50 2.29 8.91 38.17
N ASP C 51 1.75 7.71 37.96
CA ASP C 51 2.30 6.47 38.49
C ASP C 51 3.82 6.34 38.40
N LEU C 52 4.43 7.04 37.45
CA LEU C 52 5.88 6.96 37.31
C LEU C 52 6.56 8.08 38.10
N SER C 53 5.79 8.74 38.97
CA SER C 53 6.33 9.82 39.80
C SER C 53 7.57 9.33 40.54
N SER C 54 7.35 8.39 41.45
CA SER C 54 8.42 7.80 42.25
C SER C 54 9.66 7.43 41.44
N LYS C 55 9.46 7.13 40.15
CA LYS C 55 10.56 6.76 39.27
C LYS C 55 11.53 7.93 39.02
N SER C 56 12.65 7.63 38.38
CA SER C 56 13.67 8.63 38.08
C SER C 56 13.49 9.24 36.67
N PHE C 57 13.39 8.39 35.65
CA PHE C 57 13.22 8.84 34.27
C PHE C 57 11.94 9.65 34.09
N PHE C 58 11.15 9.73 35.16
CA PHE C 58 9.90 10.48 35.18
C PHE C 58 10.07 11.81 34.44
N SER C 59 10.89 12.68 35.03
CA SER C 59 11.17 13.98 34.46
C SER C 59 11.57 13.85 32.99
N GLY C 60 12.32 12.79 32.67
CA GLY C 60 12.74 12.59 31.29
C GLY C 60 11.58 12.37 30.35
N LEU C 61 10.64 11.52 30.75
CA LEU C 61 9.47 11.24 29.93
C LEU C 61 8.68 12.52 29.69
N VAL C 62 8.46 13.28 30.76
CA VAL C 62 7.72 14.54 30.66
C VAL C 62 8.35 15.48 29.64
N ASP C 63 9.64 15.74 29.80
CA ASP C 63 10.37 16.65 28.89
C ASP C 63 10.17 16.22 27.46
N TYR C 64 10.08 14.92 27.25
CA TYR C 64 9.91 14.41 25.91
C TYR C 64 8.49 14.57 25.37
N ILE C 65 7.49 14.31 26.21
CA ILE C 65 6.10 14.44 25.78
C ILE C 65 5.73 15.87 25.40
N VAL C 66 6.50 16.83 25.88
CA VAL C 66 6.24 18.24 25.60
C VAL C 66 7.17 18.80 24.52
N SER C 67 8.17 18.02 24.12
CA SER C 67 9.14 18.46 23.11
C SER C 67 8.58 18.55 21.69
N GLY C 68 7.36 18.06 21.49
CA GLY C 68 6.74 18.12 20.19
C GLY C 68 5.28 17.76 20.28
N PRO C 69 4.44 18.22 19.35
CA PRO C 69 3.03 17.88 19.42
C PRO C 69 2.76 16.37 19.32
N VAL C 70 1.59 15.94 19.78
CA VAL C 70 1.22 14.54 19.72
C VAL C 70 -0.18 14.43 19.16
N VAL C 71 -0.63 13.20 18.92
CA VAL C 71 -1.97 12.97 18.38
C VAL C 71 -2.72 12.05 19.34
N ALA C 72 -3.69 12.62 20.06
CA ALA C 72 -4.47 11.84 21.02
C ALA C 72 -5.72 11.25 20.38
N MET C 73 -6.02 10.01 20.74
CA MET C 73 -7.19 9.32 20.19
C MET C 73 -7.93 8.40 21.16
N ILE C 74 -9.18 8.13 20.79
CA ILE C 74 -10.03 7.23 21.53
C ILE C 74 -10.53 6.27 20.47
N TRP C 75 -10.31 4.98 20.69
CA TRP C 75 -10.79 3.98 19.76
C TRP C 75 -11.72 3.03 20.53
N GLU C 76 -12.85 2.69 19.92
CA GLU C 76 -13.85 1.82 20.56
C GLU C 76 -14.09 0.51 19.82
N GLY C 77 -14.39 -0.55 20.58
CA GLY C 77 -14.66 -1.87 20.03
C GLY C 77 -14.37 -2.98 21.02
N LYS C 78 -14.74 -4.21 20.70
CA LYS C 78 -14.48 -5.34 21.61
C LYS C 78 -12.99 -5.69 21.68
N ASN C 79 -12.44 -5.68 22.90
CA ASN C 79 -11.04 -6.01 23.11
C ASN C 79 -10.10 -4.95 22.55
N VAL C 80 -10.61 -3.76 22.31
CA VAL C 80 -9.80 -2.69 21.73
C VAL C 80 -8.56 -2.35 22.58
N VAL C 81 -8.65 -2.61 23.88
CA VAL C 81 -7.52 -2.32 24.73
C VAL C 81 -6.35 -3.25 24.44
N LEU C 82 -6.58 -4.55 24.59
CA LEU C 82 -5.51 -5.48 24.35
C LEU C 82 -5.16 -5.62 22.87
N THR C 83 -6.16 -5.49 22.00
CA THR C 83 -5.91 -5.58 20.56
C THR C 83 -5.03 -4.41 20.17
N GLY C 84 -5.42 -3.22 20.63
CA GLY C 84 -4.66 -2.02 20.35
C GLY C 84 -3.20 -2.25 20.71
N ARG C 85 -2.98 -2.98 21.80
CA ARG C 85 -1.63 -3.27 22.24
C ARG C 85 -0.98 -4.34 21.39
N LYS C 86 -1.77 -5.31 20.94
CA LYS C 86 -1.25 -6.36 20.10
C LYS C 86 -0.85 -5.71 18.76
N ILE C 87 -1.59 -4.69 18.34
CA ILE C 87 -1.29 -3.99 17.09
C ILE C 87 -0.04 -3.14 17.23
N ILE C 88 0.12 -2.56 18.41
CA ILE C 88 1.28 -1.72 18.66
C ILE C 88 2.57 -2.53 18.70
N GLY C 89 2.54 -3.66 19.40
CA GLY C 89 3.72 -4.50 19.50
C GLY C 89 4.51 -4.29 20.79
N ALA C 90 5.48 -5.18 21.02
CA ALA C 90 6.33 -5.15 22.21
C ALA C 90 6.92 -3.78 22.51
N THR C 91 7.05 -3.48 23.81
CA THR C 91 7.60 -2.21 24.25
C THR C 91 9.00 -2.02 23.68
N ASN C 92 9.82 -3.06 23.79
CA ASN C 92 11.19 -3.03 23.26
C ASN C 92 11.13 -3.38 21.78
N PRO C 93 11.48 -2.43 20.91
CA PRO C 93 11.47 -2.60 19.44
C PRO C 93 12.31 -3.78 18.95
N ALA C 94 13.24 -4.22 19.78
CA ALA C 94 14.08 -5.35 19.39
C ALA C 94 13.22 -6.61 19.41
N ALA C 95 12.18 -6.59 20.24
CA ALA C 95 11.29 -7.74 20.38
C ALA C 95 9.98 -7.60 19.58
N SER C 96 9.60 -6.37 19.24
CA SER C 96 8.38 -6.12 18.48
C SER C 96 8.37 -6.84 17.12
N GLU C 97 7.28 -7.54 16.83
CA GLU C 97 7.17 -8.30 15.60
C GLU C 97 6.70 -7.57 14.34
N PRO C 98 7.33 -7.89 13.19
CA PRO C 98 6.97 -7.27 11.90
C PRO C 98 5.47 -7.45 11.75
N GLY C 99 4.79 -6.39 11.35
CA GLY C 99 3.34 -6.47 11.21
C GLY C 99 2.72 -5.53 12.22
N THR C 100 3.43 -5.30 13.31
CA THR C 100 2.96 -4.39 14.35
C THR C 100 3.52 -3.02 14.07
N ILE C 101 2.95 -2.00 14.72
CA ILE C 101 3.39 -0.64 14.52
C ILE C 101 4.87 -0.45 14.89
N ARG C 102 5.26 -0.86 16.10
CA ARG C 102 6.65 -0.70 16.50
C ARG C 102 7.53 -1.63 15.68
N GLY C 103 6.98 -2.81 15.34
CA GLY C 103 7.74 -3.77 14.56
C GLY C 103 8.09 -3.27 13.18
N ASP C 104 7.23 -2.41 12.62
CA ASP C 104 7.46 -1.88 11.28
C ASP C 104 8.18 -0.53 11.24
N PHE C 105 8.08 0.25 12.32
CA PHE C 105 8.70 1.57 12.33
C PHE C 105 9.62 1.94 13.48
N ALA C 106 9.49 1.29 14.63
CA ALA C 106 10.34 1.63 15.78
C ALA C 106 11.67 0.90 15.86
N ILE C 107 12.62 1.53 16.54
CA ILE C 107 13.97 0.96 16.72
C ILE C 107 14.45 1.18 18.16
N ASP C 108 14.39 2.42 18.60
CA ASP C 108 14.85 2.80 19.93
C ASP C 108 13.70 2.79 20.93
N ILE C 109 13.93 2.24 22.12
CA ILE C 109 12.88 2.19 23.13
C ILE C 109 12.33 3.59 23.44
N GLY C 110 13.20 4.59 23.37
CA GLY C 110 12.80 5.96 23.64
C GLY C 110 12.03 6.66 22.53
N ARG C 111 11.93 6.01 21.37
CA ARG C 111 11.20 6.56 20.23
C ARG C 111 10.32 5.45 19.73
N ASN C 112 9.50 4.93 20.64
CA ASN C 112 8.61 3.83 20.32
C ASN C 112 7.37 4.27 19.56
N VAL C 113 7.39 5.52 19.07
CA VAL C 113 6.31 6.06 18.23
C VAL C 113 4.89 6.18 18.78
N ILE C 114 4.44 5.17 19.53
CA ILE C 114 3.07 5.19 20.05
C ILE C 114 2.94 4.75 21.50
N HIS C 115 1.74 4.95 22.03
CA HIS C 115 1.37 4.58 23.37
C HIS C 115 -0.07 4.06 23.30
N GLY C 116 -0.35 3.06 24.13
CA GLY C 116 -1.68 2.50 24.18
C GLY C 116 -1.98 2.15 25.62
N SER C 117 -3.23 2.25 26.04
CA SER C 117 -3.61 1.92 27.40
C SER C 117 -3.21 0.49 27.72
N ASP C 118 -2.64 0.28 28.90
CA ASP C 118 -2.19 -1.04 29.30
C ASP C 118 -3.34 -1.93 29.80
N SER C 119 -4.47 -1.32 30.16
CA SER C 119 -5.63 -2.09 30.65
C SER C 119 -6.92 -1.27 30.55
N VAL C 120 -8.05 -1.90 30.79
CA VAL C 120 -9.33 -1.20 30.73
C VAL C 120 -9.35 -0.13 31.82
N GLU C 121 -8.69 -0.45 32.93
CA GLU C 121 -8.60 0.47 34.07
C GLU C 121 -7.87 1.76 33.68
N SER C 122 -6.58 1.64 33.43
CA SER C 122 -5.77 2.79 33.04
C SER C 122 -6.44 3.49 31.86
N ALA C 123 -7.04 2.71 30.96
CA ALA C 123 -7.71 3.27 29.80
C ALA C 123 -8.77 4.27 30.25
N ARG C 124 -9.63 3.87 31.19
CA ARG C 124 -10.67 4.77 31.67
C ARG C 124 -10.06 6.05 32.21
N LYS C 125 -8.94 5.92 32.93
CA LYS C 125 -8.25 7.06 33.51
C LYS C 125 -7.71 7.98 32.43
N GLU C 126 -6.87 7.44 31.55
CA GLU C 126 -6.26 8.21 30.46
C GLU C 126 -7.30 8.94 29.61
N ILE C 127 -8.39 8.25 29.27
CA ILE C 127 -9.45 8.82 28.47
C ILE C 127 -10.06 10.06 29.15
N ALA C 128 -10.27 9.96 30.46
CA ALA C 128 -10.85 11.04 31.23
C ALA C 128 -9.92 12.25 31.20
N LEU C 129 -8.63 12.01 31.42
CA LEU C 129 -7.64 13.07 31.42
C LEU C 129 -7.52 13.80 30.08
N TRP C 130 -7.24 13.05 29.02
CA TRP C 130 -7.09 13.65 27.70
C TRP C 130 -8.40 14.11 27.03
N PHE C 131 -9.51 13.42 27.28
CA PHE C 131 -10.77 13.84 26.68
C PHE C 131 -11.86 14.09 27.73
N PRO C 132 -11.76 15.21 28.46
CA PRO C 132 -12.75 15.55 29.50
C PRO C 132 -14.13 15.81 28.94
N ASP C 133 -14.19 16.42 27.76
CA ASP C 133 -15.46 16.73 27.12
C ASP C 133 -16.27 15.52 26.66
N GLY C 134 -15.72 14.34 26.86
CA GLY C 134 -16.43 13.13 26.46
C GLY C 134 -16.06 12.75 25.03
N PRO C 135 -16.56 11.62 24.53
CA PRO C 135 -16.24 11.21 23.17
C PRO C 135 -17.23 11.75 22.17
N VAL C 136 -16.93 11.53 20.89
CA VAL C 136 -17.82 11.93 19.81
C VAL C 136 -18.47 10.61 19.41
N ASN C 137 -19.79 10.53 19.55
CA ASN C 137 -20.52 9.31 19.24
C ASN C 137 -21.11 9.21 17.85
N TRP C 138 -21.05 8.01 17.29
CA TRP C 138 -21.58 7.70 15.96
C TRP C 138 -21.54 6.19 15.78
N GLN C 139 -22.34 5.69 14.86
CA GLN C 139 -22.40 4.26 14.57
C GLN C 139 -21.97 3.95 13.15
N SER C 140 -20.91 3.17 13.01
CA SER C 140 -20.42 2.80 11.69
C SER C 140 -21.55 2.04 11.01
N SER C 141 -21.77 2.32 9.73
CA SER C 141 -22.82 1.63 8.98
C SER C 141 -22.38 0.20 8.68
N VAL C 142 -21.12 -0.11 8.95
CA VAL C 142 -20.56 -1.43 8.71
C VAL C 142 -20.73 -2.31 9.95
N HIS C 143 -21.08 -1.68 11.06
CA HIS C 143 -21.26 -2.37 12.35
C HIS C 143 -21.85 -3.79 12.29
N PRO C 144 -23.00 -3.96 11.63
CA PRO C 144 -23.60 -5.29 11.55
C PRO C 144 -22.72 -6.34 10.87
N TRP C 145 -21.69 -5.89 10.16
CA TRP C 145 -20.79 -6.83 9.50
C TRP C 145 -19.48 -6.98 10.27
N VAL C 146 -19.28 -6.15 11.28
CA VAL C 146 -18.08 -6.24 12.11
C VAL C 146 -18.44 -7.04 13.35
N TYR C 147 -19.72 -7.00 13.72
CA TYR C 147 -20.17 -7.74 14.90
C TYR C 147 -21.40 -8.59 14.61
N GLU C 148 -21.44 -9.77 15.22
CA GLU C 148 -22.61 -10.65 15.04
C GLU C 148 -23.55 -10.20 16.15
N THR C 149 -24.65 -9.58 15.76
CA THR C 149 -25.63 -9.05 16.72
C THR C 149 -25.00 -7.80 17.39
N MET D 1 -28.66 0.24 -10.23
CA MET D 1 -27.92 1.22 -11.08
C MET D 1 -27.22 0.55 -12.25
N GLU D 2 -26.50 1.37 -13.00
CA GLU D 2 -25.75 0.96 -14.18
C GLU D 2 -24.72 -0.15 -13.90
N GLN D 3 -24.41 -0.96 -14.92
CA GLN D 3 -23.44 -2.04 -14.78
C GLN D 3 -22.45 -2.07 -15.94
N THR D 4 -21.23 -2.51 -15.68
CA THR D 4 -20.21 -2.56 -16.72
C THR D 4 -19.46 -3.89 -16.66
N PHE D 5 -18.83 -4.26 -17.78
CA PHE D 5 -18.06 -5.48 -17.84
C PHE D 5 -16.57 -5.19 -17.83
N ILE D 6 -15.89 -5.72 -16.82
CA ILE D 6 -14.45 -5.57 -16.66
C ILE D 6 -13.86 -6.97 -16.74
N MET D 7 -12.79 -7.10 -17.52
CA MET D 7 -12.13 -8.38 -17.65
C MET D 7 -10.64 -8.24 -17.51
N ILE D 8 -10.06 -8.97 -16.57
CA ILE D 8 -8.63 -8.95 -16.41
C ILE D 8 -8.13 -9.91 -17.47
N LYS D 9 -7.26 -9.42 -18.35
CA LYS D 9 -6.72 -10.25 -19.43
C LYS D 9 -5.62 -11.24 -18.99
N PRO D 10 -5.29 -12.24 -19.84
CA PRO D 10 -4.29 -13.27 -19.55
C PRO D 10 -2.97 -12.75 -18.96
N ASP D 11 -2.50 -11.60 -19.44
CA ASP D 11 -1.26 -11.07 -18.89
C ASP D 11 -1.50 -10.49 -17.50
N GLY D 12 -2.72 -10.04 -17.25
CA GLY D 12 -3.06 -9.50 -15.94
C GLY D 12 -3.00 -10.57 -14.87
N VAL D 13 -3.45 -11.78 -15.22
CA VAL D 13 -3.46 -12.92 -14.31
C VAL D 13 -2.04 -13.41 -14.09
N GLN D 14 -1.30 -13.55 -15.19
CA GLN D 14 0.08 -14.02 -15.13
C GLN D 14 0.97 -13.11 -14.32
N ARG D 15 0.68 -11.81 -14.37
CA ARG D 15 1.50 -10.86 -13.64
C ARG D 15 1.01 -10.64 -12.22
N GLY D 16 0.04 -11.45 -11.80
CA GLY D 16 -0.51 -11.37 -10.46
C GLY D 16 -1.13 -10.03 -10.14
N LEU D 17 -1.95 -9.51 -11.04
CA LEU D 17 -2.57 -8.22 -10.81
C LEU D 17 -4.04 -8.31 -10.49
N ILE D 18 -4.55 -9.53 -10.39
CA ILE D 18 -5.98 -9.73 -10.11
C ILE D 18 -6.44 -8.95 -8.88
N GLY D 19 -5.86 -9.25 -7.73
CA GLY D 19 -6.25 -8.56 -6.51
C GLY D 19 -6.26 -7.05 -6.65
N GLU D 20 -5.15 -6.50 -7.10
CA GLU D 20 -4.99 -5.05 -7.27
C GLU D 20 -6.12 -4.41 -8.09
N VAL D 21 -6.46 -5.01 -9.23
CA VAL D 21 -7.53 -4.46 -10.06
C VAL D 21 -8.80 -4.38 -9.24
N ILE D 22 -9.18 -5.49 -8.64
CA ILE D 22 -10.41 -5.52 -7.85
C ILE D 22 -10.40 -4.43 -6.78
N CYS D 23 -9.26 -4.28 -6.10
CA CYS D 23 -9.12 -3.26 -5.05
C CYS D 23 -9.54 -1.87 -5.48
N ARG D 24 -9.10 -1.43 -6.65
CA ARG D 24 -9.46 -0.08 -7.08
C ARG D 24 -10.95 0.11 -7.25
N PHE D 25 -11.60 -0.83 -7.94
CA PHE D 25 -13.04 -0.73 -8.14
C PHE D 25 -13.75 -0.80 -6.78
N GLU D 26 -13.26 -1.64 -5.87
CA GLU D 26 -13.86 -1.76 -4.54
C GLU D 26 -13.72 -0.44 -3.77
N LYS D 27 -12.55 0.19 -3.89
CA LYS D 27 -12.29 1.45 -3.20
C LYS D 27 -13.11 2.61 -3.74
N LYS D 28 -13.42 2.56 -5.03
CA LYS D 28 -14.20 3.62 -5.67
C LYS D 28 -15.63 3.65 -5.13
N GLY D 29 -16.10 2.50 -4.64
CA GLY D 29 -17.45 2.42 -4.12
C GLY D 29 -18.39 1.55 -4.94
N PHE D 30 -17.89 0.94 -6.00
CA PHE D 30 -18.74 0.08 -6.82
C PHE D 30 -18.95 -1.27 -6.13
N THR D 31 -20.02 -1.96 -6.50
CA THR D 31 -20.28 -3.26 -5.93
C THR D 31 -20.11 -4.30 -7.02
N LEU D 32 -19.42 -5.38 -6.67
CA LEU D 32 -19.18 -6.47 -7.60
C LEU D 32 -20.44 -7.34 -7.70
N LYS D 33 -20.92 -7.57 -8.92
CA LYS D 33 -22.13 -8.37 -9.17
C LYS D 33 -21.83 -9.64 -9.96
N GLY D 34 -20.56 -9.85 -10.28
CA GLY D 34 -20.14 -11.01 -11.03
C GLY D 34 -18.63 -11.17 -10.94
N LEU D 35 -18.17 -12.42 -10.85
CA LEU D 35 -16.74 -12.68 -10.74
C LEU D 35 -16.45 -14.15 -11.01
N LYS D 36 -15.54 -14.41 -11.95
CA LYS D 36 -15.13 -15.76 -12.27
C LYS D 36 -13.86 -15.89 -13.09
N LEU D 37 -13.04 -16.86 -12.69
CA LEU D 37 -11.78 -17.17 -13.34
C LEU D 37 -12.26 -18.04 -14.51
N ILE D 38 -11.85 -17.73 -15.73
CA ILE D 38 -12.29 -18.51 -16.89
C ILE D 38 -11.20 -18.89 -17.87
N SER D 39 -11.36 -20.05 -18.48
CA SER D 39 -10.45 -20.52 -19.51
C SER D 39 -11.30 -20.37 -20.77
N VAL D 40 -11.01 -19.34 -21.56
CA VAL D 40 -11.78 -19.07 -22.76
C VAL D 40 -11.54 -20.06 -23.88
N GLU D 41 -12.62 -20.54 -24.50
CA GLU D 41 -12.56 -21.47 -25.62
C GLU D 41 -12.71 -20.69 -26.93
N ARG D 42 -11.89 -21.04 -27.91
CA ARG D 42 -11.86 -20.43 -29.25
C ARG D 42 -13.16 -19.76 -29.73
N SER D 43 -14.24 -20.54 -29.76
CA SER D 43 -15.54 -20.08 -30.24
C SER D 43 -16.18 -18.98 -29.39
N PHE D 44 -16.00 -19.04 -28.07
CA PHE D 44 -16.57 -18.05 -27.18
C PHE D 44 -15.85 -16.73 -27.45
N ALA D 45 -14.54 -16.82 -27.65
CA ALA D 45 -13.72 -15.65 -27.92
C ALA D 45 -14.24 -14.92 -29.15
N GLU D 46 -14.45 -15.69 -30.21
CA GLU D 46 -14.92 -15.16 -31.49
C GLU D 46 -16.24 -14.40 -31.36
N LYS D 47 -17.07 -14.80 -30.40
CA LYS D 47 -18.33 -14.11 -30.18
C LYS D 47 -18.05 -12.79 -29.45
N HIS D 48 -17.16 -12.84 -28.45
CA HIS D 48 -16.80 -11.67 -27.67
C HIS D 48 -16.22 -10.57 -28.55
N TYR D 49 -15.28 -10.93 -29.41
CA TYR D 49 -14.64 -9.97 -30.31
C TYR D 49 -15.38 -9.91 -31.64
N GLU D 50 -16.60 -10.45 -31.64
CA GLU D 50 -17.47 -10.52 -32.81
C GLU D 50 -17.67 -9.18 -33.52
N ASP D 51 -17.68 -8.09 -32.75
CA ASP D 51 -17.87 -6.77 -33.34
C ASP D 51 -16.63 -6.32 -34.13
N LEU D 52 -15.56 -7.11 -34.05
CA LEU D 52 -14.32 -6.80 -34.76
C LEU D 52 -13.94 -7.90 -35.74
N SER D 53 -14.77 -8.95 -35.82
CA SER D 53 -14.51 -10.08 -36.70
C SER D 53 -14.06 -9.76 -38.14
N SER D 54 -14.21 -8.50 -38.55
CA SER D 54 -13.82 -8.07 -39.89
C SER D 54 -12.39 -7.53 -39.97
N LYS D 55 -11.75 -7.31 -38.83
CA LYS D 55 -10.38 -6.77 -38.81
C LYS D 55 -9.32 -7.81 -39.16
N SER D 56 -8.20 -7.33 -39.69
CA SER D 56 -7.09 -8.20 -40.10
C SER D 56 -6.38 -8.79 -38.89
N PHE D 57 -6.74 -8.28 -37.71
CA PHE D 57 -6.12 -8.75 -36.48
C PHE D 57 -7.09 -9.54 -35.58
N PHE D 58 -8.30 -9.80 -36.10
CA PHE D 58 -9.32 -10.53 -35.35
C PHE D 58 -8.80 -11.84 -34.74
N SER D 59 -8.35 -12.76 -35.59
CA SER D 59 -7.84 -14.04 -35.12
C SER D 59 -6.75 -13.82 -34.07
N GLY D 60 -6.02 -12.71 -34.20
CA GLY D 60 -4.97 -12.41 -33.24
C GLY D 60 -5.54 -12.27 -31.84
N LEU D 61 -6.60 -11.49 -31.70
CA LEU D 61 -7.25 -11.29 -30.41
C LEU D 61 -7.76 -12.63 -29.86
N VAL D 62 -8.27 -13.45 -30.77
CA VAL D 62 -8.80 -14.76 -30.39
C VAL D 62 -7.64 -15.62 -29.87
N ASP D 63 -6.51 -15.60 -30.58
CA ASP D 63 -5.35 -16.40 -30.19
C ASP D 63 -4.83 -16.01 -28.82
N TYR D 64 -4.91 -14.73 -28.51
CA TYR D 64 -4.41 -14.24 -27.23
C TYR D 64 -5.34 -14.49 -26.05
N ILE D 65 -6.57 -13.99 -26.14
CA ILE D 65 -7.55 -14.16 -25.07
C ILE D 65 -7.71 -15.63 -24.65
N VAL D 66 -7.32 -16.53 -25.54
CA VAL D 66 -7.43 -17.96 -25.28
C VAL D 66 -6.09 -18.55 -24.81
N SER D 67 -5.04 -17.76 -24.84
CA SER D 67 -3.71 -18.22 -24.43
C SER D 67 -3.57 -18.42 -22.92
N GLY D 68 -4.57 -17.96 -22.18
CA GLY D 68 -4.51 -18.11 -20.73
C GLY D 68 -5.81 -17.76 -20.06
N PRO D 69 -5.93 -18.01 -18.75
CA PRO D 69 -7.19 -17.67 -18.10
C PRO D 69 -7.36 -16.19 -17.91
N VAL D 70 -8.62 -15.77 -17.83
CA VAL D 70 -8.95 -14.37 -17.60
C VAL D 70 -9.91 -14.31 -16.42
N VAL D 71 -10.13 -13.12 -15.88
CA VAL D 71 -11.05 -12.96 -14.77
C VAL D 71 -12.19 -12.06 -15.21
N ALA D 72 -13.38 -12.64 -15.36
CA ALA D 72 -14.55 -11.87 -15.78
C ALA D 72 -15.19 -11.19 -14.56
N MET D 73 -15.74 -10.00 -14.78
CA MET D 73 -16.37 -9.24 -13.69
C MET D 73 -17.51 -8.32 -14.09
N ILE D 74 -18.42 -8.12 -13.14
CA ILE D 74 -19.54 -7.21 -13.34
C ILE D 74 -19.41 -6.22 -12.19
N TRP D 75 -19.42 -4.93 -12.52
CA TRP D 75 -19.33 -3.90 -11.49
C TRP D 75 -20.49 -2.93 -11.69
N GLU D 76 -21.12 -2.57 -10.58
CA GLU D 76 -22.28 -1.70 -10.61
C GLU D 76 -22.10 -0.40 -9.86
N GLY D 77 -22.73 0.66 -10.36
CA GLY D 77 -22.66 1.97 -9.74
C GLY D 77 -22.94 3.05 -10.77
N LYS D 78 -23.18 4.27 -10.33
CA LYS D 78 -23.47 5.35 -11.27
C LYS D 78 -22.22 5.72 -12.08
N ASN D 79 -22.37 5.78 -13.39
CA ASN D 79 -21.29 6.09 -14.32
C ASN D 79 -20.20 5.01 -14.33
N VAL D 80 -20.55 3.83 -13.82
CA VAL D 80 -19.59 2.73 -13.75
C VAL D 80 -18.88 2.46 -15.06
N VAL D 81 -19.55 2.67 -16.19
CA VAL D 81 -18.90 2.42 -17.47
C VAL D 81 -17.78 3.43 -17.72
N LEU D 82 -18.13 4.73 -17.71
CA LEU D 82 -17.17 5.82 -17.94
C LEU D 82 -16.01 5.78 -16.94
N THR D 83 -16.35 5.64 -15.65
CA THR D 83 -15.34 5.58 -14.61
C THR D 83 -14.47 4.35 -14.86
N GLY D 84 -15.11 3.23 -15.17
CA GLY D 84 -14.36 2.03 -15.45
C GLY D 84 -13.32 2.32 -16.50
N ARG D 85 -13.74 2.99 -17.58
CA ARG D 85 -12.79 3.31 -18.63
C ARG D 85 -11.73 4.25 -18.09
N LYS D 86 -12.16 5.22 -17.28
CA LYS D 86 -11.23 6.17 -16.70
C LYS D 86 -10.22 5.51 -15.74
N ILE D 87 -10.70 4.57 -14.92
CA ILE D 87 -9.81 3.87 -13.99
C ILE D 87 -8.78 3.04 -14.77
N ILE D 88 -9.23 2.44 -15.87
CA ILE D 88 -8.35 1.62 -16.70
C ILE D 88 -7.30 2.46 -17.41
N GLY D 89 -7.68 3.64 -17.87
CA GLY D 89 -6.74 4.50 -18.56
C GLY D 89 -6.74 4.28 -20.05
N ALA D 90 -5.93 5.03 -20.77
CA ALA D 90 -5.86 4.96 -22.23
C ALA D 90 -5.47 3.62 -22.84
N THR D 91 -5.92 3.41 -24.08
CA THR D 91 -5.64 2.21 -24.85
C THR D 91 -4.14 2.04 -25.00
N ASN D 92 -3.49 3.08 -25.49
CA ASN D 92 -2.06 3.05 -25.69
C ASN D 92 -1.41 3.29 -24.32
N PRO D 93 -0.67 2.29 -23.81
CA PRO D 93 0.01 2.36 -22.52
C PRO D 93 1.03 3.50 -22.48
N ALA D 94 1.32 4.03 -23.67
CA ALA D 94 2.27 5.13 -23.84
C ALA D 94 1.61 6.47 -23.53
N ALA D 95 0.28 6.48 -23.52
CA ALA D 95 -0.46 7.69 -23.23
C ALA D 95 -1.27 7.55 -21.95
N SER D 96 -1.32 6.34 -21.40
CA SER D 96 -2.07 6.10 -20.16
C SER D 96 -1.42 6.75 -18.95
N GLU D 97 -2.23 7.51 -18.22
CA GLU D 97 -1.81 8.26 -17.05
C GLU D 97 -1.47 7.45 -15.79
N PRO D 98 -0.40 7.85 -15.08
CA PRO D 98 -0.04 7.13 -13.86
C PRO D 98 -1.23 7.33 -12.91
N GLY D 99 -1.64 6.26 -12.23
CA GLY D 99 -2.78 6.36 -11.35
C GLY D 99 -3.83 5.43 -11.90
N THR D 100 -3.77 5.21 -13.21
CA THR D 100 -4.68 4.29 -13.89
C THR D 100 -4.02 2.91 -13.88
N ILE D 101 -4.84 1.87 -13.99
CA ILE D 101 -4.34 0.52 -14.01
C ILE D 101 -3.33 0.35 -15.14
N ARG D 102 -3.64 0.87 -16.32
CA ARG D 102 -2.71 0.75 -17.45
C ARG D 102 -1.49 1.64 -17.25
N GLY D 103 -1.70 2.84 -16.72
CA GLY D 103 -0.59 3.75 -16.48
C GLY D 103 0.38 3.22 -15.44
N ASP D 104 -0.13 2.45 -14.48
CA ASP D 104 0.70 1.88 -13.42
C ASP D 104 1.33 0.54 -13.80
N PHE D 105 0.64 -0.26 -14.62
CA PHE D 105 1.17 -1.57 -14.93
C PHE D 105 1.41 -1.96 -16.38
N ALA D 106 0.87 -1.22 -17.34
CA ALA D 106 1.02 -1.62 -18.72
C ALA D 106 2.04 -0.85 -19.54
N ILE D 107 2.63 -1.56 -20.51
CA ILE D 107 3.63 -0.99 -21.41
C ILE D 107 3.22 -1.14 -22.87
N ASP D 108 2.93 -2.38 -23.26
CA ASP D 108 2.58 -2.74 -24.62
C ASP D 108 1.07 -2.72 -24.94
N ILE D 109 0.71 -2.18 -26.10
CA ILE D 109 -0.70 -2.12 -26.49
C ILE D 109 -1.31 -3.51 -26.55
N GLY D 110 -0.51 -4.49 -26.96
CA GLY D 110 -1.01 -5.86 -27.04
C GLY D 110 -1.00 -6.63 -25.73
N ARG D 111 -0.64 -5.95 -24.65
CA ARG D 111 -0.61 -6.55 -23.32
C ARG D 111 -1.10 -5.45 -22.38
N ASN D 112 -2.30 -4.96 -22.68
CA ASN D 112 -2.93 -3.86 -21.94
C ASN D 112 -3.53 -4.25 -20.57
N VAL D 113 -3.28 -5.48 -20.13
CA VAL D 113 -3.71 -5.97 -18.82
C VAL D 113 -5.20 -6.13 -18.47
N ILE D 114 -6.05 -5.26 -19.00
CA ILE D 114 -7.45 -5.33 -18.62
C ILE D 114 -8.36 -4.82 -19.72
N HIS D 115 -9.63 -5.18 -19.62
CA HIS D 115 -10.63 -4.75 -20.58
C HIS D 115 -11.81 -4.14 -19.86
N GLY D 116 -12.42 -3.15 -20.49
CA GLY D 116 -13.58 -2.50 -19.93
C GLY D 116 -14.54 -2.15 -21.04
N SER D 117 -15.83 -2.34 -20.78
CA SER D 117 -16.86 -2.02 -21.76
C SER D 117 -16.68 -0.56 -22.15
N ASP D 118 -16.62 -0.28 -23.44
CA ASP D 118 -16.43 1.09 -23.89
C ASP D 118 -17.73 1.90 -23.93
N SER D 119 -18.87 1.23 -23.85
CA SER D 119 -20.15 1.93 -23.85
C SER D 119 -21.18 1.14 -23.05
N VAL D 120 -22.27 1.80 -22.66
CA VAL D 120 -23.31 1.12 -21.89
C VAL D 120 -23.92 0.01 -22.73
N GLU D 121 -24.06 0.28 -24.02
CA GLU D 121 -24.61 -0.67 -24.98
C GLU D 121 -23.76 -1.93 -25.09
N SER D 122 -22.46 -1.75 -25.22
CA SER D 122 -21.56 -2.88 -25.35
C SER D 122 -21.48 -3.61 -24.01
N ALA D 123 -21.80 -2.91 -22.92
CA ALA D 123 -21.77 -3.50 -21.59
C ALA D 123 -22.84 -4.58 -21.46
N ARG D 124 -24.11 -4.17 -21.61
CA ARG D 124 -25.22 -5.11 -21.51
C ARG D 124 -24.95 -6.34 -22.39
N LYS D 125 -24.35 -6.10 -23.56
CA LYS D 125 -24.04 -7.19 -24.47
C LYS D 125 -22.99 -8.10 -23.87
N GLU D 126 -21.93 -7.49 -23.37
CA GLU D 126 -20.83 -8.24 -22.78
C GLU D 126 -21.20 -9.04 -21.53
N ILE D 127 -21.89 -8.43 -20.58
CA ILE D 127 -22.23 -9.15 -19.35
C ILE D 127 -23.22 -10.26 -19.62
N ALA D 128 -24.07 -10.08 -20.63
CA ALA D 128 -25.04 -11.09 -20.99
C ALA D 128 -24.32 -12.31 -21.54
N LEU D 129 -23.29 -12.05 -22.34
CA LEU D 129 -22.49 -13.10 -22.97
C LEU D 129 -21.63 -13.87 -21.98
N TRP D 130 -20.92 -13.12 -21.13
CA TRP D 130 -20.04 -13.73 -20.14
C TRP D 130 -20.75 -14.28 -18.91
N PHE D 131 -21.86 -13.66 -18.53
CA PHE D 131 -22.61 -14.13 -17.38
C PHE D 131 -24.05 -14.43 -17.78
N PRO D 132 -24.28 -15.61 -18.35
CA PRO D 132 -25.61 -16.00 -18.78
C PRO D 132 -26.64 -15.99 -17.65
N ASP D 133 -26.27 -16.54 -16.50
CA ASP D 133 -27.17 -16.64 -15.35
C ASP D 133 -27.46 -15.33 -14.64
N GLY D 134 -27.03 -14.22 -15.22
CA GLY D 134 -27.27 -12.94 -14.59
C GLY D 134 -26.37 -12.62 -13.40
N PRO D 135 -26.60 -11.48 -12.74
CA PRO D 135 -25.81 -11.03 -11.57
C PRO D 135 -26.19 -11.58 -10.20
N VAL D 136 -25.24 -11.46 -9.27
CA VAL D 136 -25.42 -11.88 -7.89
C VAL D 136 -25.84 -10.58 -7.23
N ASN D 137 -27.03 -10.55 -6.64
CA ASN D 137 -27.51 -9.33 -6.02
C ASN D 137 -27.23 -9.17 -4.54
N TRP D 138 -26.88 -7.95 -4.14
CA TRP D 138 -26.63 -7.62 -2.74
C TRP D 138 -26.62 -6.11 -2.56
N GLN D 139 -26.76 -5.68 -1.32
CA GLN D 139 -26.77 -4.25 -1.02
C GLN D 139 -25.67 -3.82 -0.07
N SER D 140 -24.72 -3.07 -0.59
CA SER D 140 -23.62 -2.56 0.22
C SER D 140 -24.22 -1.84 1.43
N SER D 141 -23.72 -2.12 2.62
CA SER D 141 -24.24 -1.47 3.83
C SER D 141 -23.81 -0.01 3.87
N VAL D 142 -22.77 0.33 3.14
CA VAL D 142 -22.29 1.71 3.11
C VAL D 142 -22.91 2.52 1.98
N HIS D 143 -23.99 1.99 1.40
CA HIS D 143 -24.66 2.68 0.30
C HIS D 143 -25.07 4.12 0.66
N PRO D 144 -25.73 4.30 1.82
CA PRO D 144 -26.15 5.65 2.21
C PRO D 144 -25.01 6.68 2.33
N TRP D 145 -23.77 6.19 2.39
CA TRP D 145 -22.63 7.09 2.50
C TRP D 145 -21.88 7.28 1.18
N VAL D 146 -22.23 6.48 0.17
CA VAL D 146 -21.61 6.58 -1.15
C VAL D 146 -22.54 7.35 -2.09
N TYR D 147 -23.84 7.20 -1.87
CA TYR D 147 -24.86 7.88 -2.71
C TYR D 147 -25.78 8.78 -1.90
N GLU D 148 -26.14 9.92 -2.45
CA GLU D 148 -27.04 10.83 -1.73
C GLU D 148 -28.49 10.42 -1.94
N THR D 149 -29.31 10.63 -0.91
CA THR D 149 -30.74 10.31 -0.92
C THR D 149 -30.97 8.79 -0.81
N MET E 1 4.41 29.94 6.76
CA MET E 1 4.13 29.51 5.36
C MET E 1 2.60 29.38 5.16
N GLU E 2 2.16 29.35 3.90
CA GLU E 2 0.75 29.24 3.54
C GLU E 2 0.04 28.08 4.25
N GLN E 3 -1.22 28.30 4.64
CA GLN E 3 -1.99 27.25 5.31
C GLN E 3 -3.33 27.07 4.59
N THR E 4 -3.95 25.92 4.77
CA THR E 4 -5.25 25.67 4.15
C THR E 4 -6.11 24.84 5.09
N PHE E 5 -7.41 24.80 4.82
CA PHE E 5 -8.32 24.04 5.64
C PHE E 5 -8.89 22.88 4.83
N ILE E 6 -8.67 21.67 5.35
CA ILE E 6 -9.18 20.48 4.71
C ILE E 6 -10.10 19.85 5.73
N MET E 7 -11.23 19.33 5.27
CA MET E 7 -12.16 18.68 6.17
C MET E 7 -12.69 17.39 5.56
N ILE E 8 -12.54 16.29 6.29
CA ILE E 8 -13.05 15.03 5.80
C ILE E 8 -14.52 15.03 6.20
N LYS E 9 -15.39 14.85 5.20
CA LYS E 9 -16.83 14.84 5.41
C LYS E 9 -17.31 13.57 6.10
N PRO E 10 -18.57 13.56 6.56
CA PRO E 10 -19.15 12.41 7.24
C PRO E 10 -19.02 11.08 6.50
N ASP E 11 -19.16 11.09 5.18
CA ASP E 11 -19.04 9.86 4.41
C ASP E 11 -17.61 9.34 4.44
N GLY E 12 -16.66 10.27 4.50
CA GLY E 12 -15.27 9.89 4.56
C GLY E 12 -14.95 9.18 5.86
N VAL E 13 -15.51 9.67 6.96
CA VAL E 13 -15.30 9.06 8.27
C VAL E 13 -15.99 7.69 8.29
N GLN E 14 -17.21 7.66 7.76
CA GLN E 14 -17.97 6.42 7.71
C GLN E 14 -17.31 5.33 6.89
N ARG E 15 -16.70 5.72 5.77
CA ARG E 15 -16.06 4.75 4.90
C ARG E 15 -14.64 4.38 5.30
N GLY E 16 -14.23 4.87 6.48
CA GLY E 16 -12.90 4.59 6.99
C GLY E 16 -11.77 5.12 6.13
N LEU E 17 -11.90 6.37 5.68
CA LEU E 17 -10.89 6.99 4.84
C LEU E 17 -10.02 8.04 5.56
N ILE E 18 -10.17 8.15 6.89
CA ILE E 18 -9.41 9.12 7.67
C ILE E 18 -7.89 9.05 7.51
N GLY E 19 -7.31 7.90 7.81
CA GLY E 19 -5.87 7.75 7.69
C GLY E 19 -5.31 7.91 6.29
N GLU E 20 -6.03 7.37 5.30
CA GLU E 20 -5.62 7.45 3.89
C GLU E 20 -5.42 8.91 3.51
N VAL E 21 -6.39 9.74 3.88
CA VAL E 21 -6.35 11.18 3.60
C VAL E 21 -5.08 11.80 4.16
N ILE E 22 -4.91 11.67 5.47
CA ILE E 22 -3.76 12.22 6.18
C ILE E 22 -2.46 11.74 5.57
N CYS E 23 -2.43 10.49 5.17
CA CYS E 23 -1.24 9.93 4.56
C CYS E 23 -0.86 10.74 3.33
N ARG E 24 -1.85 11.01 2.48
CA ARG E 24 -1.56 11.75 1.26
C ARG E 24 -0.94 13.13 1.48
N PHE E 25 -1.38 13.84 2.51
CA PHE E 25 -0.81 15.15 2.80
C PHE E 25 0.52 15.01 3.52
N GLU E 26 0.65 13.99 4.35
CA GLU E 26 1.90 13.74 5.07
C GLU E 26 2.99 13.40 4.07
N LYS E 27 2.74 12.40 3.22
CA LYS E 27 3.70 11.99 2.20
C LYS E 27 4.04 13.07 1.17
N LYS E 28 3.17 14.07 1.01
CA LYS E 28 3.40 15.16 0.07
C LYS E 28 4.47 16.06 0.65
N GLY E 29 4.57 16.03 1.97
CA GLY E 29 5.56 16.86 2.64
C GLY E 29 4.97 18.01 3.43
N PHE E 30 3.65 18.11 3.47
CA PHE E 30 2.99 19.18 4.22
C PHE E 30 3.03 18.93 5.72
N THR E 31 2.79 19.98 6.49
CA THR E 31 2.81 19.90 7.93
C THR E 31 1.42 20.08 8.53
N LEU E 32 0.99 19.10 9.33
CA LEU E 32 -0.31 19.14 9.98
C LEU E 32 -0.22 20.08 11.18
N LYS E 33 -1.09 21.08 11.22
CA LYS E 33 -1.08 22.08 12.29
C LYS E 33 -2.40 22.15 13.05
N GLY E 34 -3.33 21.28 12.71
CA GLY E 34 -4.62 21.25 13.38
C GLY E 34 -5.32 19.95 13.01
N LEU E 35 -5.87 19.25 14.00
CA LEU E 35 -6.55 17.97 13.74
C LEU E 35 -7.59 17.65 14.82
N LYS E 36 -8.87 17.66 14.44
CA LYS E 36 -9.96 17.36 15.37
C LYS E 36 -11.15 16.60 14.75
N LEU E 37 -11.68 15.66 15.51
CA LEU E 37 -12.84 14.89 15.10
C LEU E 37 -13.99 15.64 15.77
N ILE E 38 -14.96 16.10 14.99
CA ILE E 38 -16.08 16.87 15.54
C ILE E 38 -17.47 16.48 15.07
N SER E 39 -18.44 16.70 15.93
CA SER E 39 -19.84 16.47 15.60
C SER E 39 -20.39 17.90 15.59
N VAL E 40 -20.43 18.49 14.40
CA VAL E 40 -20.86 19.85 14.20
C VAL E 40 -22.32 20.17 14.54
N GLU E 41 -22.53 21.33 15.15
CA GLU E 41 -23.87 21.79 15.51
C GLU E 41 -24.53 22.50 14.34
N ARG E 42 -25.84 22.59 14.38
CA ARG E 42 -26.64 23.23 13.33
C ARG E 42 -26.19 24.66 13.05
N SER E 43 -26.07 25.45 14.11
CA SER E 43 -25.68 26.86 14.01
C SER E 43 -24.28 27.03 13.41
N PHE E 44 -23.33 26.22 13.85
CA PHE E 44 -21.96 26.30 13.35
C PHE E 44 -21.97 25.97 11.85
N ALA E 45 -22.75 24.96 11.49
CA ALA E 45 -22.87 24.51 10.11
C ALA E 45 -23.34 25.67 9.23
N GLU E 46 -24.41 26.33 9.65
CA GLU E 46 -24.96 27.46 8.91
C GLU E 46 -23.94 28.58 8.76
N LYS E 47 -23.05 28.72 9.75
CA LYS E 47 -22.00 29.73 9.72
C LYS E 47 -20.98 29.38 8.65
N HIS E 48 -20.52 28.13 8.68
CA HIS E 48 -19.53 27.65 7.72
C HIS E 48 -20.01 27.80 6.29
N TYR E 49 -21.30 27.61 6.09
CA TYR E 49 -21.87 27.73 4.77
C TYR E 49 -22.58 29.07 4.57
N GLU E 50 -22.26 30.04 5.41
CA GLU E 50 -22.86 31.38 5.32
C GLU E 50 -22.88 31.94 3.90
N ASP E 51 -21.69 32.04 3.29
CA ASP E 51 -21.57 32.54 1.93
C ASP E 51 -22.53 31.89 0.91
N LEU E 52 -23.27 30.86 1.33
CA LEU E 52 -24.19 30.15 0.45
C LEU E 52 -25.64 30.10 0.98
N SER E 53 -25.94 30.86 2.03
CA SER E 53 -27.27 30.84 2.65
C SER E 53 -28.53 31.06 1.79
N SER E 54 -28.41 31.80 0.70
CA SER E 54 -29.58 32.06 -0.15
C SER E 54 -29.67 31.05 -1.29
N LYS E 55 -28.67 30.18 -1.37
CA LYS E 55 -28.60 29.15 -2.39
C LYS E 55 -29.62 28.05 -2.17
N SER E 56 -30.15 27.51 -3.26
CA SER E 56 -31.17 26.46 -3.21
C SER E 56 -30.79 25.19 -2.45
N PHE E 57 -29.52 24.81 -2.47
CA PHE E 57 -29.06 23.59 -1.81
C PHE E 57 -28.46 23.80 -0.42
N PHE E 58 -28.67 24.97 0.14
CA PHE E 58 -28.14 25.31 1.46
C PHE E 58 -28.52 24.28 2.53
N SER E 59 -29.79 23.91 2.58
CA SER E 59 -30.27 22.95 3.58
C SER E 59 -29.61 21.60 3.44
N GLY E 60 -29.29 21.23 2.21
CA GLY E 60 -28.64 19.96 1.97
C GLY E 60 -27.26 20.00 2.61
N LEU E 61 -26.51 21.08 2.35
CA LEU E 61 -25.18 21.20 2.94
C LEU E 61 -25.26 21.08 4.44
N VAL E 62 -26.17 21.86 5.04
CA VAL E 62 -26.34 21.86 6.48
C VAL E 62 -26.77 20.49 7.01
N ASP E 63 -27.86 19.95 6.47
CA ASP E 63 -28.33 18.64 6.90
C ASP E 63 -27.20 17.64 6.79
N TYR E 64 -26.41 17.77 5.74
CA TYR E 64 -25.34 16.82 5.51
C TYR E 64 -24.14 16.85 6.45
N ILE E 65 -23.43 17.97 6.57
CA ILE E 65 -22.27 17.99 7.45
C ILE E 65 -22.65 17.83 8.91
N VAL E 66 -23.94 17.84 9.18
CA VAL E 66 -24.41 17.70 10.56
C VAL E 66 -24.86 16.25 10.83
N SER E 67 -24.94 15.43 9.78
CA SER E 67 -25.39 14.05 9.91
C SER E 67 -24.39 13.08 10.55
N GLY E 68 -23.12 13.47 10.59
CA GLY E 68 -22.13 12.60 11.19
C GLY E 68 -20.84 13.34 11.51
N PRO E 69 -20.01 12.80 12.41
CA PRO E 69 -18.77 13.53 12.72
C PRO E 69 -17.89 13.76 11.50
N VAL E 70 -17.02 14.77 11.59
CA VAL E 70 -16.11 15.10 10.51
C VAL E 70 -14.70 15.25 11.10
N VAL E 71 -13.71 15.32 10.23
CA VAL E 71 -12.34 15.52 10.68
C VAL E 71 -11.86 16.83 10.09
N ALA E 72 -11.64 17.82 10.95
CA ALA E 72 -11.20 19.16 10.54
C ALA E 72 -9.68 19.23 10.64
N MET E 73 -9.04 19.87 9.66
CA MET E 73 -7.59 19.96 9.68
C MET E 73 -6.97 21.25 9.15
N ILE E 74 -5.73 21.47 9.54
CA ILE E 74 -4.96 22.60 9.07
C ILE E 74 -3.67 22.01 8.49
N TRP E 75 -3.37 22.38 7.24
CA TRP E 75 -2.16 21.90 6.60
C TRP E 75 -1.34 23.09 6.15
N GLU E 76 -0.03 22.98 6.31
CA GLU E 76 0.88 24.07 5.95
C GLU E 76 1.97 23.63 4.97
N GLY E 77 2.36 24.53 4.08
CA GLY E 77 3.39 24.26 3.10
C GLY E 77 3.22 25.18 1.91
N LYS E 78 4.24 25.27 1.06
CA LYS E 78 4.14 26.12 -0.12
C LYS E 78 3.07 25.59 -1.09
N ASN E 79 2.21 26.49 -1.56
CA ASN E 79 1.11 26.18 -2.49
C ASN E 79 0.14 25.14 -1.95
N VAL E 80 0.09 25.01 -0.62
CA VAL E 80 -0.79 24.04 0.04
C VAL E 80 -2.28 24.19 -0.34
N VAL E 81 -2.75 25.41 -0.58
CA VAL E 81 -4.14 25.62 -0.95
C VAL E 81 -4.45 24.99 -2.32
N LEU E 82 -3.79 25.48 -3.37
CA LEU E 82 -4.01 24.96 -4.70
C LEU E 82 -3.64 23.48 -4.85
N THR E 83 -2.56 23.07 -4.16
CA THR E 83 -2.11 21.68 -4.20
C THR E 83 -3.13 20.80 -3.47
N GLY E 84 -3.59 21.25 -2.31
CA GLY E 84 -4.58 20.49 -1.58
C GLY E 84 -5.77 20.24 -2.49
N ARG E 85 -6.11 21.24 -3.29
CA ARG E 85 -7.23 21.11 -4.21
C ARG E 85 -6.93 20.10 -5.31
N LYS E 86 -5.69 20.09 -5.78
CA LYS E 86 -5.30 19.16 -6.82
C LYS E 86 -5.30 17.74 -6.25
N ILE E 87 -4.99 17.59 -4.96
CA ILE E 87 -4.99 16.28 -4.32
C ILE E 87 -6.42 15.75 -4.16
N ILE E 88 -7.32 16.63 -3.79
CA ILE E 88 -8.72 16.26 -3.63
C ILE E 88 -9.36 15.90 -4.98
N GLY E 89 -9.03 16.63 -6.03
CA GLY E 89 -9.57 16.33 -7.36
C GLY E 89 -10.87 17.04 -7.75
N ALA E 90 -11.28 16.88 -9.00
CA ALA E 90 -12.50 17.50 -9.52
C ALA E 90 -13.70 17.38 -8.59
N THR E 91 -14.40 18.50 -8.39
CA THR E 91 -15.57 18.54 -7.52
C THR E 91 -16.56 17.43 -7.90
N ASN E 92 -16.74 17.22 -9.20
CA ASN E 92 -17.63 16.15 -9.65
C ASN E 92 -16.82 14.85 -9.73
N PRO E 93 -17.12 13.89 -8.83
CA PRO E 93 -16.39 12.62 -8.83
C PRO E 93 -16.25 12.02 -10.23
N ALA E 94 -17.33 12.05 -11.00
CA ALA E 94 -17.31 11.51 -12.35
C ALA E 94 -16.15 12.06 -13.18
N ALA E 95 -15.62 13.21 -12.80
CA ALA E 95 -14.51 13.81 -13.54
C ALA E 95 -13.16 13.69 -12.85
N SER E 96 -13.17 13.37 -11.57
CA SER E 96 -11.92 13.25 -10.80
C SER E 96 -10.97 12.19 -11.37
N GLU E 97 -9.71 12.56 -11.57
CA GLU E 97 -8.76 11.63 -12.13
C GLU E 97 -8.20 10.66 -11.08
N PRO E 98 -7.95 9.40 -11.48
CA PRO E 98 -7.41 8.39 -10.58
C PRO E 98 -6.12 8.98 -10.02
N GLY E 99 -5.90 8.81 -8.73
CA GLY E 99 -4.71 9.36 -8.12
C GLY E 99 -5.08 10.42 -7.10
N THR E 100 -6.19 11.12 -7.36
CA THR E 100 -6.70 12.14 -6.46
C THR E 100 -7.60 11.41 -5.46
N ILE E 101 -7.93 12.05 -4.34
CA ILE E 101 -8.80 11.42 -3.36
C ILE E 101 -10.19 11.11 -3.93
N ARG E 102 -10.86 12.11 -4.49
CA ARG E 102 -12.17 11.89 -5.07
C ARG E 102 -12.04 10.93 -6.26
N GLY E 103 -10.96 11.07 -7.01
CA GLY E 103 -10.77 10.18 -8.14
C GLY E 103 -10.68 8.72 -7.69
N ASP E 104 -10.14 8.48 -6.49
CA ASP E 104 -10.00 7.12 -6.00
C ASP E 104 -11.19 6.62 -5.20
N PHE E 105 -11.84 7.49 -4.42
CA PHE E 105 -12.96 7.01 -3.62
C PHE E 105 -14.34 7.61 -3.81
N ALA E 106 -14.50 8.67 -4.59
CA ALA E 106 -15.83 9.26 -4.72
C ALA E 106 -16.61 8.92 -5.98
N ILE E 107 -17.93 8.98 -5.88
CA ILE E 107 -18.80 8.68 -7.01
C ILE E 107 -19.94 9.70 -7.17
N ASP E 108 -20.61 9.97 -6.06
CA ASP E 108 -21.76 10.89 -6.05
C ASP E 108 -21.30 12.29 -5.63
N ILE E 109 -21.56 13.26 -6.49
CA ILE E 109 -21.18 14.64 -6.22
C ILE E 109 -21.55 15.09 -4.80
N GLY E 110 -22.65 14.55 -4.25
CA GLY E 110 -23.08 14.92 -2.92
C GLY E 110 -22.43 14.15 -1.78
N ARG E 111 -21.58 13.19 -2.14
CA ARG E 111 -20.87 12.37 -1.18
C ARG E 111 -19.42 12.33 -1.67
N ASN E 112 -18.79 13.50 -1.76
CA ASN E 112 -17.43 13.54 -2.25
C ASN E 112 -16.30 13.51 -1.23
N VAL E 113 -16.57 12.85 -0.10
CA VAL E 113 -15.54 12.62 0.92
C VAL E 113 -14.80 13.78 1.59
N ILE E 114 -14.32 14.75 0.81
CA ILE E 114 -13.53 15.84 1.37
C ILE E 114 -13.84 17.27 0.91
N HIS E 115 -13.35 18.21 1.70
CA HIS E 115 -13.46 19.62 1.43
C HIS E 115 -12.10 20.26 1.61
N GLY E 116 -11.78 21.21 0.75
CA GLY E 116 -10.52 21.92 0.85
C GLY E 116 -10.78 23.36 0.46
N SER E 117 -10.22 24.31 1.20
CA SER E 117 -10.42 25.72 0.91
C SER E 117 -10.02 25.98 -0.55
N ASP E 118 -10.74 26.85 -1.24
CA ASP E 118 -10.37 27.11 -2.64
C ASP E 118 -9.54 28.36 -2.86
N SER E 119 -9.13 29.02 -1.79
CA SER E 119 -8.28 30.20 -1.92
C SER E 119 -7.58 30.47 -0.60
N VAL E 120 -6.51 31.25 -0.66
CA VAL E 120 -5.78 31.59 0.55
C VAL E 120 -6.68 32.41 1.46
N GLU E 121 -7.51 33.27 0.86
CA GLU E 121 -8.45 34.12 1.60
C GLU E 121 -9.50 33.28 2.30
N SER E 122 -10.20 32.44 1.55
CA SER E 122 -11.24 31.60 2.15
C SER E 122 -10.63 30.70 3.23
N ALA E 123 -9.42 30.23 2.98
CA ALA E 123 -8.73 29.37 3.93
C ALA E 123 -8.60 30.06 5.30
N ARG E 124 -8.19 31.33 5.32
CA ARG E 124 -8.05 32.06 6.57
C ARG E 124 -9.36 32.14 7.34
N LYS E 125 -10.46 32.34 6.61
CA LYS E 125 -11.77 32.43 7.24
C LYS E 125 -12.11 31.09 7.87
N GLU E 126 -12.03 30.04 7.08
CA GLU E 126 -12.34 28.69 7.53
C GLU E 126 -11.43 28.24 8.67
N ILE E 127 -10.15 28.61 8.62
CA ILE E 127 -9.24 28.22 9.67
C ILE E 127 -9.61 28.98 10.94
N ALA E 128 -9.90 30.27 10.80
CA ALA E 128 -10.30 31.10 11.94
C ALA E 128 -11.65 30.65 12.52
N LEU E 129 -12.49 30.05 11.68
CA LEU E 129 -13.79 29.54 12.13
C LEU E 129 -13.67 28.18 12.84
N TRP E 130 -12.98 27.24 12.21
CA TRP E 130 -12.81 25.91 12.76
C TRP E 130 -11.76 25.76 13.88
N PHE E 131 -10.70 26.56 13.86
CA PHE E 131 -9.68 26.50 14.91
C PHE E 131 -9.42 27.89 15.49
N PRO E 132 -10.40 28.42 16.23
CA PRO E 132 -10.25 29.76 16.83
C PRO E 132 -9.06 29.87 17.78
N ASP E 133 -8.60 28.74 18.31
CA ASP E 133 -7.46 28.73 19.23
C ASP E 133 -6.11 28.74 18.51
N GLY E 134 -6.13 28.84 17.19
CA GLY E 134 -4.88 28.88 16.43
C GLY E 134 -4.29 27.52 16.14
N PRO E 135 -3.26 27.47 15.29
CA PRO E 135 -2.61 26.20 14.95
C PRO E 135 -1.62 25.73 16.00
N VAL E 136 -1.29 24.44 15.93
CA VAL E 136 -0.31 23.86 16.84
C VAL E 136 0.99 23.97 16.05
N ASN E 137 1.91 24.78 16.53
CA ASN E 137 3.16 25.01 15.82
C ASN E 137 4.29 24.04 16.15
N TRP E 138 5.11 23.78 15.12
CA TRP E 138 6.26 22.89 15.21
C TRP E 138 7.00 22.85 13.87
N GLN E 139 8.31 22.63 13.92
CA GLN E 139 9.14 22.54 12.73
C GLN E 139 9.40 21.07 12.49
N SER E 140 9.56 20.68 11.23
CA SER E 140 9.84 19.30 10.87
C SER E 140 11.33 19.13 10.69
N SER E 141 11.87 17.99 11.10
CA SER E 141 13.30 17.74 10.98
C SER E 141 13.72 17.42 9.55
N VAL E 142 12.77 17.30 8.64
CA VAL E 142 13.14 17.00 7.27
C VAL E 142 12.93 18.21 6.38
N HIS E 143 12.55 19.32 7.01
CA HIS E 143 12.31 20.58 6.34
C HIS E 143 13.41 20.96 5.33
N PRO E 144 14.68 20.87 5.75
CA PRO E 144 15.77 21.22 4.82
C PRO E 144 15.83 20.37 3.54
N TRP E 145 15.14 19.22 3.54
CA TRP E 145 15.13 18.37 2.35
C TRP E 145 13.85 18.48 1.52
N VAL E 146 12.87 19.18 2.08
CA VAL E 146 11.60 19.42 1.40
C VAL E 146 11.71 20.75 0.67
N TYR E 147 12.29 21.73 1.34
CA TYR E 147 12.45 23.05 0.75
C TYR E 147 13.91 23.43 0.53
N GLU E 148 14.12 24.54 -0.19
CA GLU E 148 15.45 25.06 -0.52
C GLU E 148 15.84 26.13 0.52
N THR E 149 17.09 26.09 0.99
CA THR E 149 17.58 27.03 2.01
C THR E 149 16.57 27.16 3.16
N MET F 1 12.93 -0.98 -26.89
CA MET F 1 13.72 -1.60 -25.76
C MET F 1 14.91 -0.69 -25.43
N GLU F 2 14.58 0.59 -25.38
CA GLU F 2 15.54 1.64 -25.09
C GLU F 2 15.78 1.65 -23.59
N GLN F 3 16.77 2.42 -23.16
CA GLN F 3 17.06 2.52 -21.75
C GLN F 3 16.96 3.99 -21.38
N THR F 4 16.81 4.28 -20.09
CA THR F 4 16.73 5.65 -19.63
C THR F 4 17.48 5.74 -18.31
N PHE F 5 17.81 6.96 -17.89
CA PHE F 5 18.54 7.17 -16.66
C PHE F 5 17.69 7.86 -15.61
N ILE F 6 17.44 7.18 -14.49
CA ILE F 6 16.68 7.77 -13.39
C ILE F 6 17.57 7.86 -12.16
N MET F 7 17.59 9.03 -11.56
CA MET F 7 18.40 9.27 -10.38
C MET F 7 17.56 9.86 -9.27
N ILE F 8 17.61 9.23 -8.10
CA ILE F 8 16.88 9.72 -6.94
C ILE F 8 17.81 10.72 -6.30
N LYS F 9 17.39 11.99 -6.33
CA LYS F 9 18.17 13.07 -5.77
C LYS F 9 18.39 12.94 -4.25
N PRO F 10 19.40 13.63 -3.71
CA PRO F 10 19.73 13.59 -2.29
C PRO F 10 18.52 13.64 -1.36
N ASP F 11 17.55 14.49 -1.67
CA ASP F 11 16.36 14.61 -0.82
C ASP F 11 15.51 13.35 -0.85
N GLY F 12 15.48 12.67 -1.99
CA GLY F 12 14.69 11.45 -2.09
C GLY F 12 15.21 10.40 -1.13
N VAL F 13 16.54 10.37 -0.99
CA VAL F 13 17.20 9.45 -0.10
C VAL F 13 16.91 9.83 1.35
N GLN F 14 17.09 11.11 1.67
CA GLN F 14 16.84 11.59 3.02
C GLN F 14 15.42 11.32 3.49
N ARG F 15 14.48 11.37 2.56
CA ARG F 15 13.10 11.17 2.90
C ARG F 15 12.62 9.73 2.86
N GLY F 16 13.52 8.80 2.58
CA GLY F 16 13.17 7.40 2.55
C GLY F 16 12.22 7.04 1.43
N LEU F 17 12.51 7.51 0.23
CA LEU F 17 11.65 7.23 -0.89
C LEU F 17 12.32 6.29 -1.90
N ILE F 18 13.44 5.68 -1.53
CA ILE F 18 14.13 4.84 -2.49
C ILE F 18 13.31 3.63 -2.96
N GLY F 19 12.71 2.91 -2.01
CA GLY F 19 11.90 1.76 -2.36
C GLY F 19 10.69 2.11 -3.19
N GLU F 20 10.00 3.18 -2.81
CA GLU F 20 8.80 3.61 -3.53
C GLU F 20 9.08 3.85 -5.00
N VAL F 21 10.09 4.66 -5.27
CA VAL F 21 10.50 4.99 -6.64
C VAL F 21 10.73 3.71 -7.42
N ILE F 22 11.59 2.83 -6.88
CA ILE F 22 11.93 1.57 -7.52
C ILE F 22 10.71 0.70 -7.76
N CYS F 23 9.75 0.77 -6.85
CA CYS F 23 8.53 -0.02 -6.98
C CYS F 23 7.70 0.39 -8.21
N ARG F 24 7.57 1.69 -8.43
CA ARG F 24 6.77 2.13 -9.56
C ARG F 24 7.31 1.69 -10.91
N PHE F 25 8.64 1.65 -11.06
CA PHE F 25 9.22 1.21 -12.31
C PHE F 25 9.13 -0.30 -12.43
N GLU F 26 9.21 -0.98 -11.28
CA GLU F 26 9.12 -2.43 -11.25
C GLU F 26 7.71 -2.88 -11.63
N LYS F 27 6.69 -2.24 -11.06
CA LYS F 27 5.29 -2.59 -11.37
C LYS F 27 4.87 -2.21 -12.79
N LYS F 28 5.45 -1.13 -13.33
CA LYS F 28 5.11 -0.69 -14.67
C LYS F 28 5.50 -1.80 -15.66
N GLY F 29 6.55 -2.53 -15.32
CA GLY F 29 6.99 -3.60 -16.19
C GLY F 29 8.38 -3.40 -16.74
N PHE F 30 9.09 -2.42 -16.21
CA PHE F 30 10.45 -2.12 -16.64
C PHE F 30 11.51 -2.99 -15.95
N THR F 31 12.64 -3.16 -16.63
CA THR F 31 13.75 -3.97 -16.13
C THR F 31 14.89 -3.11 -15.63
N LEU F 32 15.31 -3.32 -14.39
CA LEU F 32 16.42 -2.56 -13.82
C LEU F 32 17.71 -3.17 -14.39
N LYS F 33 18.54 -2.35 -15.01
CA LYS F 33 19.78 -2.83 -15.59
C LYS F 33 20.94 -2.11 -14.94
N GLY F 34 20.61 -1.25 -13.99
CA GLY F 34 21.63 -0.48 -13.30
C GLY F 34 21.11 0.09 -11.99
N LEU F 35 21.87 -0.11 -10.92
CA LEU F 35 21.46 0.35 -9.60
C LEU F 35 22.69 0.54 -8.71
N LYS F 36 22.73 1.65 -7.97
CA LYS F 36 23.85 1.89 -7.04
C LYS F 36 23.69 3.15 -6.20
N LEU F 37 24.01 3.01 -4.92
CA LEU F 37 23.94 4.13 -3.98
C LEU F 37 25.33 4.76 -4.06
N ILE F 38 25.38 6.04 -4.38
CA ILE F 38 26.67 6.71 -4.49
C ILE F 38 26.58 8.18 -4.10
N SER F 39 27.69 8.71 -3.61
CA SER F 39 27.74 10.12 -3.25
C SER F 39 28.67 10.75 -4.28
N VAL F 40 28.09 11.54 -5.17
CA VAL F 40 28.82 12.19 -6.26
C VAL F 40 29.82 13.23 -5.78
N GLU F 41 30.86 13.44 -6.59
CA GLU F 41 31.88 14.41 -6.26
C GLU F 41 31.90 15.60 -7.24
N ARG F 42 32.41 16.72 -6.74
CA ARG F 42 32.51 17.97 -7.50
C ARG F 42 32.67 17.87 -9.02
N SER F 43 33.82 17.39 -9.48
CA SER F 43 34.10 17.29 -10.91
C SER F 43 33.08 16.49 -11.73
N PHE F 44 32.69 15.31 -11.25
CA PHE F 44 31.71 14.49 -11.97
C PHE F 44 30.37 15.24 -12.10
N ALA F 45 30.00 15.96 -11.03
CA ALA F 45 28.76 16.73 -11.00
C ALA F 45 28.77 17.83 -12.05
N GLU F 46 29.92 18.50 -12.17
CA GLU F 46 30.09 19.58 -13.14
C GLU F 46 29.97 19.03 -14.56
N LYS F 47 30.30 17.75 -14.73
CA LYS F 47 30.21 17.12 -16.04
C LYS F 47 28.78 16.67 -16.31
N HIS F 48 28.04 16.40 -15.24
CA HIS F 48 26.64 15.97 -15.38
C HIS F 48 25.80 17.18 -15.79
N TYR F 49 26.02 18.31 -15.10
CA TYR F 49 25.29 19.53 -15.39
C TYR F 49 26.04 20.36 -16.43
N GLU F 50 27.12 19.80 -16.93
CA GLU F 50 27.99 20.41 -17.94
C GLU F 50 27.23 21.27 -18.95
N ASP F 51 26.03 20.83 -19.30
CA ASP F 51 25.19 21.54 -20.25
C ASP F 51 24.65 22.87 -19.72
N LEU F 52 25.02 23.22 -18.49
CA LEU F 52 24.57 24.46 -17.88
C LEU F 52 25.72 25.21 -17.24
N SER F 53 26.93 25.01 -17.73
CA SER F 53 28.09 25.70 -17.17
C SER F 53 27.90 27.21 -17.25
N SER F 54 27.14 27.64 -18.25
CA SER F 54 26.85 29.06 -18.46
C SER F 54 25.50 29.47 -17.90
N LYS F 55 25.31 29.24 -16.60
CA LYS F 55 24.08 29.61 -15.92
C LYS F 55 24.52 30.12 -14.57
N SER F 56 23.77 31.06 -14.01
CA SER F 56 24.12 31.62 -12.71
C SER F 56 23.98 30.59 -11.58
N PHE F 57 22.89 29.83 -11.61
CA PHE F 57 22.59 28.83 -10.59
C PHE F 57 23.34 27.49 -10.78
N PHE F 58 24.18 27.41 -11.81
CA PHE F 58 24.96 26.19 -12.08
C PHE F 58 25.72 25.79 -10.81
N SER F 59 26.35 26.78 -10.18
CA SER F 59 27.13 26.56 -8.96
C SER F 59 26.31 25.82 -7.89
N GLY F 60 25.04 26.17 -7.78
CA GLY F 60 24.15 25.57 -6.80
C GLY F 60 23.75 24.14 -7.10
N LEU F 61 23.46 23.85 -8.36
CA LEU F 61 23.09 22.50 -8.77
C LEU F 61 24.15 21.53 -8.29
N VAL F 62 25.39 21.82 -8.69
CA VAL F 62 26.54 21.00 -8.33
C VAL F 62 26.60 20.90 -6.80
N ASP F 63 26.50 22.05 -6.13
CA ASP F 63 26.52 22.10 -4.67
C ASP F 63 25.52 21.08 -4.11
N TYR F 64 24.27 21.19 -4.57
CA TYR F 64 23.22 20.31 -4.10
C TYR F 64 23.43 18.83 -4.41
N ILE F 65 23.49 18.51 -5.69
CA ILE F 65 23.65 17.14 -6.12
C ILE F 65 24.77 16.43 -5.33
N VAL F 66 25.63 17.20 -4.69
CA VAL F 66 26.73 16.63 -3.92
C VAL F 66 26.52 16.67 -2.41
N SER F 67 25.49 17.37 -1.95
CA SER F 67 25.19 17.51 -0.53
C SER F 67 24.83 16.17 0.16
N GLY F 68 24.63 15.14 -0.65
CA GLY F 68 24.27 13.85 -0.10
C GLY F 68 24.25 12.75 -1.14
N PRO F 69 24.22 11.49 -0.71
CA PRO F 69 24.19 10.35 -1.62
C PRO F 69 22.94 10.33 -2.51
N VAL F 70 23.11 9.80 -3.72
CA VAL F 70 21.98 9.68 -4.64
C VAL F 70 21.97 8.21 -5.08
N VAL F 71 20.90 7.81 -5.78
CA VAL F 71 20.77 6.44 -6.27
C VAL F 71 20.65 6.52 -7.80
N ALA F 72 21.66 6.02 -8.49
CA ALA F 72 21.66 6.03 -9.94
C ALA F 72 21.04 4.75 -10.48
N MET F 73 20.24 4.88 -11.54
CA MET F 73 19.59 3.72 -12.10
C MET F 73 19.53 3.69 -13.63
N ILE F 74 19.44 2.48 -14.14
CA ILE F 74 19.29 2.22 -15.57
C ILE F 74 18.03 1.39 -15.67
N TRP F 75 17.00 1.91 -16.34
CA TRP F 75 15.76 1.16 -16.52
C TRP F 75 15.57 0.92 -18.02
N GLU F 76 15.10 -0.28 -18.38
CA GLU F 76 14.91 -0.62 -19.78
C GLU F 76 13.48 -1.01 -20.17
N GLY F 77 13.08 -0.60 -21.38
CA GLY F 77 11.73 -0.92 -21.86
C GLY F 77 11.21 0.05 -22.89
N LYS F 78 10.18 -0.37 -23.63
CA LYS F 78 9.56 0.46 -24.66
C LYS F 78 9.07 1.76 -24.08
N ASN F 79 9.57 2.87 -24.65
CA ASN F 79 9.19 4.20 -24.22
C ASN F 79 9.61 4.50 -22.80
N VAL F 80 10.47 3.67 -22.24
CA VAL F 80 10.92 3.87 -20.87
C VAL F 80 11.33 5.33 -20.66
N VAL F 81 11.97 5.95 -21.65
CA VAL F 81 12.39 7.35 -21.52
C VAL F 81 11.19 8.28 -21.34
N LEU F 82 10.25 8.22 -22.27
CA LEU F 82 9.08 9.09 -22.19
C LEU F 82 8.15 8.67 -21.04
N THR F 83 7.93 7.36 -20.89
CA THR F 83 7.07 6.86 -19.81
C THR F 83 7.65 7.29 -18.45
N GLY F 84 8.98 7.23 -18.35
CA GLY F 84 9.64 7.62 -17.13
C GLY F 84 9.33 9.05 -16.73
N ARG F 85 9.33 9.95 -17.70
CA ARG F 85 9.02 11.35 -17.42
C ARG F 85 7.56 11.47 -16.98
N LYS F 86 6.69 10.63 -17.56
CA LYS F 86 5.28 10.64 -17.18
C LYS F 86 5.17 10.22 -15.72
N ILE F 87 5.79 9.10 -15.40
CA ILE F 87 5.77 8.57 -14.03
C ILE F 87 6.32 9.56 -13.01
N ILE F 88 7.31 10.35 -13.42
CA ILE F 88 7.92 11.34 -12.54
C ILE F 88 7.06 12.57 -12.33
N GLY F 89 6.39 13.03 -13.39
CA GLY F 89 5.56 14.21 -13.25
C GLY F 89 6.27 15.52 -13.62
N ALA F 90 5.48 16.60 -13.68
CA ALA F 90 5.96 17.93 -14.03
C ALA F 90 7.21 18.41 -13.30
N THR F 91 7.99 19.25 -13.97
CA THR F 91 9.22 19.80 -13.40
C THR F 91 8.85 20.59 -12.15
N ASN F 92 7.87 21.48 -12.28
CA ASN F 92 7.40 22.30 -11.16
C ASN F 92 6.43 21.45 -10.37
N PRO F 93 6.80 21.09 -9.12
CA PRO F 93 5.94 20.27 -8.27
C PRO F 93 4.54 20.85 -8.11
N ALA F 94 4.39 22.14 -8.37
CA ALA F 94 3.11 22.80 -8.24
C ALA F 94 2.16 22.39 -9.38
N ALA F 95 2.72 21.82 -10.45
CA ALA F 95 1.92 21.38 -11.59
C ALA F 95 1.85 19.87 -11.73
N SER F 96 2.83 19.17 -11.16
CA SER F 96 2.86 17.72 -11.23
C SER F 96 1.58 17.11 -10.68
N GLU F 97 0.94 16.27 -11.48
CA GLU F 97 -0.31 15.65 -11.08
C GLU F 97 -0.15 14.49 -10.08
N PRO F 98 -1.17 14.31 -9.22
CA PRO F 98 -1.19 13.24 -8.20
C PRO F 98 -1.14 11.90 -8.95
N GLY F 99 -0.39 10.94 -8.41
CA GLY F 99 -0.27 9.66 -9.08
C GLY F 99 1.11 9.52 -9.70
N THR F 100 1.77 10.65 -9.89
CA THR F 100 3.12 10.66 -10.44
C THR F 100 4.03 10.83 -9.23
N ILE F 101 5.30 10.46 -9.37
CA ILE F 101 6.23 10.57 -8.25
C ILE F 101 6.34 11.95 -7.65
N ARG F 102 6.56 12.97 -8.48
CA ARG F 102 6.66 14.31 -7.92
C ARG F 102 5.28 14.78 -7.46
N GLY F 103 4.24 14.29 -8.10
CA GLY F 103 2.90 14.66 -7.70
C GLY F 103 2.60 14.21 -6.28
N ASP F 104 3.10 13.04 -5.90
CA ASP F 104 2.85 12.52 -4.56
C ASP F 104 3.80 12.97 -3.44
N PHE F 105 5.06 13.25 -3.77
CA PHE F 105 6.01 13.63 -2.72
C PHE F 105 6.67 14.99 -2.81
N ALA F 106 6.95 15.47 -4.02
CA ALA F 106 7.62 16.75 -4.20
C ALA F 106 6.81 18.01 -3.95
N ILE F 107 7.47 19.05 -3.44
CA ILE F 107 6.82 20.33 -3.21
C ILE F 107 7.59 21.51 -3.78
N ASP F 108 8.91 21.51 -3.64
CA ASP F 108 9.72 22.62 -4.13
C ASP F 108 10.61 22.24 -5.31
N ILE F 109 10.75 23.16 -6.27
CA ILE F 109 11.58 22.91 -7.45
C ILE F 109 12.96 22.45 -6.99
N GLY F 110 13.50 23.11 -5.98
CA GLY F 110 14.81 22.75 -5.47
C GLY F 110 14.88 21.36 -4.86
N ARG F 111 13.76 20.87 -4.35
CA ARG F 111 13.71 19.55 -3.74
C ARG F 111 12.69 18.69 -4.51
N ASN F 112 13.03 18.32 -5.74
CA ASN F 112 12.10 17.56 -6.56
C ASN F 112 12.26 16.05 -6.60
N VAL F 113 12.99 15.52 -5.62
CA VAL F 113 13.16 14.07 -5.46
C VAL F 113 13.86 13.24 -6.54
N ILE F 114 13.50 13.42 -7.80
CA ILE F 114 14.09 12.61 -8.86
C ILE F 114 14.49 13.36 -10.12
N HIS F 115 15.25 12.66 -10.95
CA HIS F 115 15.68 13.16 -12.25
C HIS F 115 15.55 12.02 -13.25
N GLY F 116 15.14 12.35 -14.47
CA GLY F 116 15.01 11.33 -15.50
C GLY F 116 15.42 11.88 -16.85
N SER F 117 16.04 11.04 -17.66
CA SER F 117 16.46 11.44 -19.00
C SER F 117 15.28 12.04 -19.76
N ASP F 118 15.47 13.25 -20.26
CA ASP F 118 14.42 13.94 -20.99
C ASP F 118 14.27 13.50 -22.44
N SER F 119 15.22 12.72 -22.93
CA SER F 119 15.16 12.23 -24.31
C SER F 119 16.03 10.99 -24.52
N VAL F 120 15.73 10.27 -25.59
CA VAL F 120 16.50 9.08 -25.91
C VAL F 120 17.95 9.49 -26.08
N GLU F 121 18.14 10.72 -26.56
CA GLU F 121 19.47 11.27 -26.79
C GLU F 121 20.17 11.53 -25.46
N SER F 122 19.48 12.26 -24.59
CA SER F 122 20.01 12.55 -23.26
C SER F 122 20.24 11.21 -22.56
N ALA F 123 19.30 10.29 -22.75
CA ALA F 123 19.38 8.99 -22.12
C ALA F 123 20.66 8.21 -22.45
N ARG F 124 20.87 7.89 -23.73
CA ARG F 124 22.04 7.12 -24.10
C ARG F 124 23.33 7.81 -23.65
N LYS F 125 23.25 9.12 -23.39
CA LYS F 125 24.41 9.88 -22.96
C LYS F 125 24.64 9.86 -21.44
N GLU F 126 23.59 10.08 -20.66
CA GLU F 126 23.71 10.07 -19.20
C GLU F 126 24.06 8.68 -18.72
N ILE F 127 23.46 7.68 -19.36
CA ILE F 127 23.70 6.29 -18.99
C ILE F 127 25.20 5.97 -19.11
N ALA F 128 25.83 6.44 -20.18
CA ALA F 128 27.25 6.20 -20.40
C ALA F 128 28.10 6.91 -19.35
N LEU F 129 27.72 8.14 -18.99
CA LEU F 129 28.47 8.88 -17.98
C LEU F 129 28.43 8.22 -16.61
N TRP F 130 27.23 8.00 -16.08
CA TRP F 130 27.06 7.39 -14.76
C TRP F 130 27.40 5.91 -14.66
N PHE F 131 27.08 5.14 -15.69
CA PHE F 131 27.40 3.71 -15.67
C PHE F 131 28.41 3.38 -16.76
N PRO F 132 29.66 3.82 -16.57
CA PRO F 132 30.72 3.58 -17.55
C PRO F 132 30.98 2.09 -17.81
N ASP F 133 30.69 1.24 -16.83
CA ASP F 133 30.91 -0.20 -16.98
C ASP F 133 29.84 -0.91 -17.80
N GLY F 134 28.80 -0.18 -18.21
CA GLY F 134 27.73 -0.81 -18.97
C GLY F 134 26.65 -1.33 -18.05
N PRO F 135 25.53 -1.85 -18.60
CA PRO F 135 24.42 -2.38 -17.81
C PRO F 135 24.53 -3.85 -17.43
N VAL F 136 23.70 -4.26 -16.46
CA VAL F 136 23.68 -5.65 -16.04
C VAL F 136 22.50 -6.27 -16.76
N ASN F 137 22.75 -7.18 -17.68
CA ASN F 137 21.65 -7.76 -18.42
C ASN F 137 21.03 -9.02 -17.85
N TRP F 138 19.75 -9.18 -18.16
CA TRP F 138 18.94 -10.31 -17.75
C TRP F 138 17.57 -10.13 -18.38
N GLN F 139 16.75 -11.17 -18.37
CA GLN F 139 15.43 -11.05 -18.96
C GLN F 139 14.37 -11.53 -17.99
N SER F 140 13.24 -10.81 -17.96
CA SER F 140 12.13 -11.12 -17.08
C SER F 140 11.39 -12.37 -17.57
N SER F 141 11.18 -13.32 -16.67
CA SER F 141 10.49 -14.55 -17.01
C SER F 141 9.07 -14.24 -17.47
N VAL F 142 8.58 -13.04 -17.15
CA VAL F 142 7.23 -12.66 -17.56
C VAL F 142 7.25 -11.78 -18.80
N HIS F 143 8.42 -11.65 -19.40
CA HIS F 143 8.63 -10.87 -20.61
C HIS F 143 7.55 -11.08 -21.69
N PRO F 144 7.18 -12.34 -21.99
CA PRO F 144 6.16 -12.60 -23.02
C PRO F 144 4.78 -12.11 -22.62
N TRP F 145 4.63 -11.71 -21.35
CA TRP F 145 3.37 -11.22 -20.83
C TRP F 145 3.38 -9.69 -20.74
N VAL F 146 4.58 -9.11 -20.84
CA VAL F 146 4.71 -7.66 -20.81
C VAL F 146 4.80 -7.15 -22.24
N TYR F 147 5.36 -7.97 -23.13
CA TYR F 147 5.50 -7.61 -24.55
C TYR F 147 4.95 -8.68 -25.49
N GLU F 148 4.72 -8.29 -26.74
CA GLU F 148 4.19 -9.19 -27.78
C GLU F 148 5.26 -9.84 -28.66
N THR F 149 4.84 -10.90 -29.35
CA THR F 149 5.67 -11.66 -30.31
C THR F 149 6.97 -12.25 -29.73
#